data_7S6N
#
_entry.id   7S6N
#
_cell.length_a   97.182
_cell.length_b   86.605
_cell.length_c   106.985
_cell.angle_alpha   90.000
_cell.angle_beta   112.169
_cell.angle_gamma   90.000
#
_symmetry.space_group_name_H-M   'P 1 21 1'
#
loop_
_entity.id
_entity.type
_entity.pdbx_description
1 polymer 'N-acetylglucosamine-1-phosphotransferase (GNPT) alpha (GNPTAB) catalytic domain,N-acetylglucosamine-1-phosphotransferase subunit beta'
2 branched alpha-D-mannopyranose-(1-3)-beta-D-mannopyranose-(1-4)-2-acetamido-2-deoxy-beta-D-glucopyranose-(1-4)-2-acetamido-2-deoxy-beta-D-glucopyranose
3 branched alpha-L-fucopyranose-(1-6)-2-acetamido-2-deoxy-beta-D-glucopyranose
4 branched beta-D-mannopyranose-(1-4)-2-acetamido-2-deoxy-beta-D-glucopyranose-(1-4)-2-acetamido-2-deoxy-beta-D-glucopyranose
5 branched 2-acetamido-2-deoxy-beta-D-glucopyranose-(1-4)-[alpha-L-fucopyranose-(1-6)]2-acetamido-2-deoxy-beta-D-glucopyranose
6 non-polymer 2-acetamido-2-deoxy-beta-D-glucopyranose
7 non-polymer 'CALCIUM ION'
8 water water
#
_entity_poly.entity_id   1
_entity_poly.type   'polypeptide(L)'
_entity_poly.pdbx_seq_one_letter_code
;DRHHHHHHGSEVVVEWSRDQYHVLFDSYRDNVAGKSFQTRLCLPMPIDVVYTWVNGTDPKLIKEVTELKRSKRDPLIPEC
QGKQTPEKDKCYRDDNTASRFEDNEELRYSLRSIEKHAPWVRHIFIVTNGQIPSWLNLDNPRVSVVTHQDIFQNQTHLPT
FSSPAIETHIHRIPGLSQKFIYLNDDVMFGKDVWPDDFYSHSKGQKVYLTWPVPNDTFADSLRYVNRLLNAQFGFTSRKV
PAHMPHMIDRLIMQELQDTFPQEFDKTSSHRVRHSEDMQFAFSYFYFLMSAVQQLNISEVFDEIDTDHSGVLSDREIRTL
ATRIHELPLSLQDLTSLEQMLINCSKSLPSNLTHLHAVSPTQEAYYDPSMPPVTKGLVIHCKPITERIHKAFKDQNKYKF
EIMGEEEIAFKMIRTNVSHVVGQLDDIRKNPRKFICLNDNIDHIHKDAGTVKAVLRDFYESMFPLPSQFELPREYRNRFL
HMTELQEWRIYRDKL
;
_entity_poly.pdbx_strand_id   A,B
#
# COMPACT_ATOMS: atom_id res chain seq x y z
N ASP A 19 -2.45 -25.96 -15.84
CA ASP A 19 -2.68 -25.00 -16.92
C ASP A 19 -2.28 -23.60 -16.48
N GLN A 20 -3.12 -22.61 -16.79
CA GLN A 20 -2.90 -21.25 -16.29
C GLN A 20 -2.98 -21.21 -14.77
N TYR A 21 -3.69 -22.16 -14.14
CA TYR A 21 -3.70 -22.22 -12.69
C TYR A 21 -2.31 -22.62 -12.18
N HIS A 22 -1.65 -23.53 -12.90
CA HIS A 22 -0.28 -23.92 -12.62
C HIS A 22 0.68 -22.76 -12.84
N VAL A 23 0.37 -21.86 -13.77
CA VAL A 23 1.25 -20.73 -14.03
C VAL A 23 1.32 -19.80 -12.83
N LEU A 24 0.17 -19.49 -12.25
CA LEU A 24 0.18 -18.59 -11.10
C LEU A 24 0.86 -19.24 -9.89
N PHE A 25 0.55 -20.51 -9.63
CA PHE A 25 1.10 -21.20 -8.47
C PHE A 25 2.62 -21.34 -8.59
N ASP A 26 3.12 -21.50 -9.81
CA ASP A 26 4.57 -21.55 -10.01
C ASP A 26 5.20 -20.17 -9.90
N SER A 27 4.47 -19.12 -10.27
CA SER A 27 5.08 -17.80 -10.36
C SER A 27 5.43 -17.25 -8.97
N TYR A 28 4.57 -17.47 -7.97
CA TYR A 28 4.83 -16.90 -6.66
C TYR A 28 5.98 -17.59 -5.94
N ARG A 29 6.37 -18.78 -6.40
CA ARG A 29 7.54 -19.47 -5.87
C ARG A 29 8.79 -19.19 -6.69
N ASP A 30 8.68 -18.40 -7.76
CA ASP A 30 9.82 -18.11 -8.64
C ASP A 30 10.62 -16.95 -8.07
N ASN A 31 11.33 -17.24 -6.98
CA ASN A 31 12.12 -16.23 -6.32
C ASN A 31 13.32 -16.91 -5.65
N VAL A 32 14.24 -16.09 -5.15
CA VAL A 32 15.48 -16.63 -4.60
C VAL A 32 15.21 -17.54 -3.40
N ALA A 33 14.10 -17.31 -2.69
CA ALA A 33 13.80 -18.14 -1.53
C ALA A 33 13.08 -19.42 -1.92
N GLY A 34 12.55 -19.51 -3.13
CA GLY A 34 11.79 -20.67 -3.54
C GLY A 34 10.53 -20.90 -2.72
N LYS A 35 10.06 -19.89 -2.00
CA LYS A 35 8.87 -19.97 -1.18
C LYS A 35 7.84 -18.98 -1.71
N SER A 36 6.57 -19.29 -1.53
CA SER A 36 5.51 -18.39 -1.95
C SER A 36 5.30 -17.30 -0.90
N PHE A 37 5.20 -16.06 -1.36
CA PHE A 37 4.88 -14.90 -0.52
C PHE A 37 3.56 -14.28 -0.96
N GLN A 38 2.68 -15.10 -1.55
CA GLN A 38 1.43 -14.61 -2.10
C GLN A 38 0.53 -13.99 -1.04
N THR A 39 0.61 -14.47 0.20
CA THR A 39 -0.23 -13.89 1.25
C THR A 39 0.23 -12.48 1.59
N ARG A 40 1.52 -12.19 1.46
CA ARG A 40 2.05 -10.86 1.71
C ARG A 40 1.97 -9.96 0.49
N LEU A 41 2.19 -10.55 -0.70
CA LEU A 41 2.17 -9.76 -1.93
C LEU A 41 0.75 -9.40 -2.35
N CYS A 42 -0.25 -10.13 -1.88
CA CYS A 42 -1.64 -9.90 -2.26
C CYS A 42 -2.46 -9.41 -1.07
N LEU A 43 -3.47 -8.58 -1.37
CA LEU A 43 -4.33 -8.05 -0.34
C LEU A 43 -5.16 -9.18 0.28
N PRO A 44 -5.66 -8.99 1.48
CA PRO A 44 -6.46 -10.05 2.13
C PRO A 44 -7.77 -10.33 1.40
N MET A 45 -8.06 -11.62 1.19
CA MET A 45 -9.30 -12.05 0.58
C MET A 45 -9.62 -13.36 1.31
N PRO A 46 -10.92 -13.69 1.46
CA PRO A 46 -12.09 -12.94 0.98
C PRO A 46 -12.45 -11.76 1.85
N ILE A 47 -13.32 -10.89 1.34
CA ILE A 47 -13.83 -9.77 2.10
C ILE A 47 -15.33 -9.70 1.87
N ASP A 48 -16.11 -9.95 2.92
CA ASP A 48 -17.56 -9.89 2.84
C ASP A 48 -18.06 -8.51 3.23
N VAL A 49 -19.33 -8.25 2.91
CA VAL A 49 -20.00 -7.00 3.26
C VAL A 49 -21.18 -7.34 4.16
N VAL A 50 -21.43 -6.49 5.14
CA VAL A 50 -22.53 -6.68 6.09
C VAL A 50 -23.33 -5.39 6.10
N TYR A 51 -24.63 -5.50 5.87
CA TYR A 51 -25.58 -4.41 6.07
C TYR A 51 -26.46 -4.73 7.27
N THR A 52 -26.97 -3.68 7.90
CA THR A 52 -28.13 -3.78 8.77
C THR A 52 -29.27 -3.03 8.09
N TRP A 53 -30.45 -3.63 8.02
CA TRP A 53 -31.56 -3.06 7.28
C TRP A 53 -32.84 -3.26 8.06
N VAL A 54 -33.73 -2.27 8.00
CA VAL A 54 -35.03 -2.30 8.65
C VAL A 54 -36.04 -1.58 7.76
N ASN A 55 -37.27 -2.07 7.78
CA ASN A 55 -38.35 -1.44 7.02
C ASN A 55 -39.27 -0.78 8.04
N GLY A 56 -39.15 0.55 8.14
CA GLY A 56 -39.89 1.34 9.12
C GLY A 56 -41.37 1.49 8.81
N THR A 57 -41.79 1.15 7.58
CA THR A 57 -43.20 1.14 7.24
C THR A 57 -43.94 -0.08 7.74
N ASP A 58 -43.22 -1.14 8.07
CA ASP A 58 -43.82 -2.38 8.56
C ASP A 58 -44.80 -2.08 9.69
N PRO A 59 -46.11 -2.32 9.48
CA PRO A 59 -47.08 -1.95 10.52
C PRO A 59 -46.89 -2.71 11.82
N LYS A 60 -46.49 -3.99 11.76
CA LYS A 60 -46.23 -4.71 12.99
C LYS A 60 -45.08 -4.08 13.75
N LEU A 61 -44.04 -3.62 13.03
CA LEU A 61 -42.89 -3.03 13.70
C LEU A 61 -43.29 -1.73 14.39
N ILE A 62 -43.92 -0.82 13.65
CA ILE A 62 -44.38 0.45 14.22
C ILE A 62 -45.15 0.19 15.51
N LYS A 63 -46.05 -0.79 15.48
CA LYS A 63 -46.88 -1.05 16.65
C LYS A 63 -46.04 -1.52 17.83
N GLU A 64 -45.10 -2.43 17.59
CA GLU A 64 -44.33 -2.99 18.69
C GLU A 64 -43.34 -2.00 19.26
N VAL A 65 -42.86 -1.06 18.44
CA VAL A 65 -41.93 -0.04 18.94
C VAL A 65 -42.65 0.91 19.89
N THR A 66 -43.81 1.41 19.49
CA THR A 66 -44.54 2.37 20.32
C THR A 66 -44.99 1.73 21.63
N GLU A 67 -45.41 0.47 21.58
CA GLU A 67 -45.80 -0.22 22.81
C GLU A 67 -44.64 -0.28 23.79
N LEU A 68 -43.43 -0.55 23.30
CA LEU A 68 -42.26 -0.51 24.16
C LEU A 68 -41.97 0.92 24.64
N LYS A 69 -42.25 1.92 23.80
CA LYS A 69 -42.07 3.30 24.21
C LYS A 69 -43.05 3.70 25.31
N ARG A 70 -44.29 3.20 25.24
CA ARG A 70 -45.25 3.46 26.30
C ARG A 70 -44.85 2.75 27.59
N SER A 71 -44.38 1.51 27.48
CA SER A 71 -43.88 0.79 28.66
C SER A 71 -42.63 1.44 29.22
N LYS A 72 -41.82 2.06 28.37
CA LYS A 72 -40.60 2.75 28.80
C LYS A 72 -40.71 4.25 28.53
N PHE A 101 -42.95 6.24 7.87
CA PHE A 101 -41.51 6.38 7.90
C PHE A 101 -40.85 5.62 6.74
N GLU A 102 -40.78 6.26 5.58
CA GLU A 102 -40.26 5.63 4.36
C GLU A 102 -38.88 6.20 4.02
N ASP A 103 -37.99 5.32 3.57
CA ASP A 103 -36.61 5.71 3.31
C ASP A 103 -36.48 6.20 1.87
N ASN A 104 -35.26 6.24 1.35
CA ASN A 104 -34.98 6.60 -0.04
C ASN A 104 -34.48 5.41 -0.85
N GLU A 105 -34.80 4.19 -0.41
CA GLU A 105 -34.29 2.98 -1.05
C GLU A 105 -32.77 2.96 -1.04
N GLU A 106 -32.18 3.36 0.08
CA GLU A 106 -30.73 3.47 0.15
C GLU A 106 -30.06 2.12 -0.02
N LEU A 107 -30.63 1.06 0.58
CA LEU A 107 -30.01 -0.26 0.46
C LEU A 107 -29.91 -0.68 -1.00
N ARG A 108 -30.98 -0.45 -1.77
CA ARG A 108 -30.96 -0.80 -3.18
C ARG A 108 -29.80 -0.10 -3.90
N TYR A 109 -29.71 1.21 -3.74
CA TYR A 109 -28.66 1.96 -4.44
C TYR A 109 -27.28 1.63 -3.90
N SER A 110 -27.18 1.34 -2.60
CA SER A 110 -25.87 0.94 -2.07
C SER A 110 -25.40 -0.36 -2.68
N LEU A 111 -26.33 -1.29 -2.95
CA LEU A 111 -25.94 -2.55 -3.57
C LEU A 111 -25.53 -2.34 -5.02
N ARG A 112 -26.16 -1.40 -5.71
CA ARG A 112 -25.69 -1.01 -7.04
C ARG A 112 -24.27 -0.43 -6.96
N SER A 113 -23.99 0.37 -5.93
CA SER A 113 -22.65 0.94 -5.81
C SER A 113 -21.61 -0.12 -5.53
N ILE A 114 -21.99 -1.25 -4.92
CA ILE A 114 -21.05 -2.34 -4.72
C ILE A 114 -20.76 -3.02 -6.05
N GLU A 115 -21.81 -3.34 -6.81
CA GLU A 115 -21.60 -3.96 -8.12
C GLU A 115 -20.70 -3.11 -9.00
N LYS A 116 -20.84 -1.78 -8.88
CA LYS A 116 -20.12 -0.90 -9.79
C LYS A 116 -18.72 -0.62 -9.29
N HIS A 117 -18.56 -0.40 -7.97
CA HIS A 117 -17.33 0.14 -7.40
C HIS A 117 -16.60 -0.80 -6.46
N ALA A 118 -17.18 -1.92 -6.05
CA ALA A 118 -16.51 -2.90 -5.22
C ALA A 118 -16.84 -4.30 -5.72
N PRO A 119 -16.45 -4.62 -6.96
CA PRO A 119 -16.80 -5.92 -7.53
C PRO A 119 -16.07 -7.09 -6.89
N TRP A 120 -15.04 -6.83 -6.09
CA TRP A 120 -14.25 -7.88 -5.46
C TRP A 120 -14.89 -8.46 -4.22
N VAL A 121 -16.04 -7.93 -3.80
CA VAL A 121 -16.73 -8.42 -2.61
C VAL A 121 -17.19 -9.85 -2.84
N ARG A 122 -17.00 -10.71 -1.83
CA ARG A 122 -17.42 -12.10 -1.98
C ARG A 122 -18.92 -12.25 -1.74
N HIS A 123 -19.35 -12.01 -0.52
CA HIS A 123 -20.74 -12.25 -0.13
C HIS A 123 -21.29 -11.02 0.60
N ILE A 124 -22.61 -10.88 0.54
CA ILE A 124 -23.32 -9.77 1.15
C ILE A 124 -24.33 -10.35 2.15
N PHE A 125 -24.15 -10.02 3.43
CA PHE A 125 -25.10 -10.39 4.47
C PHE A 125 -25.94 -9.17 4.80
N ILE A 126 -27.26 -9.34 4.87
CA ILE A 126 -28.17 -8.28 5.26
C ILE A 126 -28.82 -8.69 6.56
N VAL A 127 -28.46 -8.02 7.66
CA VAL A 127 -28.95 -8.37 8.99
C VAL A 127 -30.27 -7.64 9.23
N THR A 128 -31.33 -8.39 9.50
CA THR A 128 -32.65 -7.85 9.77
C THR A 128 -33.23 -8.53 11.02
N ASN A 129 -34.43 -8.10 11.41
CA ASN A 129 -35.18 -8.80 12.44
C ASN A 129 -35.97 -9.98 11.90
N GLY A 130 -35.88 -10.25 10.60
CA GLY A 130 -36.71 -11.23 9.94
C GLY A 130 -37.29 -10.65 8.67
N GLN A 131 -37.31 -9.32 8.61
CA GLN A 131 -37.78 -8.62 7.43
C GLN A 131 -36.86 -8.89 6.24
N ILE A 132 -37.43 -8.90 5.05
CA ILE A 132 -36.68 -9.01 3.80
C ILE A 132 -37.18 -7.94 2.83
N PRO A 133 -36.29 -7.21 2.15
CA PRO A 133 -36.77 -6.25 1.16
C PRO A 133 -37.54 -6.95 0.06
N SER A 134 -38.63 -6.32 -0.39
CA SER A 134 -39.46 -6.92 -1.43
C SER A 134 -38.65 -7.22 -2.68
N TRP A 135 -37.74 -6.30 -3.04
CA TRP A 135 -36.99 -6.40 -4.27
C TRP A 135 -35.80 -7.35 -4.17
N LEU A 136 -35.49 -7.86 -3.00
CA LEU A 136 -34.26 -8.62 -2.81
C LEU A 136 -34.38 -9.95 -3.56
N ASN A 137 -33.35 -10.28 -4.32
CA ASN A 137 -33.31 -11.53 -5.08
C ASN A 137 -32.51 -12.55 -4.29
N LEU A 138 -33.19 -13.22 -3.37
CA LEU A 138 -32.52 -14.20 -2.53
C LEU A 138 -32.17 -15.49 -3.28
N ASP A 139 -32.62 -15.64 -4.53
CA ASP A 139 -32.11 -16.73 -5.35
C ASP A 139 -30.64 -16.55 -5.69
N ASN A 140 -30.16 -15.31 -5.67
CA ASN A 140 -28.74 -15.03 -5.87
C ASN A 140 -27.95 -15.58 -4.70
N PRO A 141 -26.98 -16.48 -4.90
CA PRO A 141 -26.23 -17.00 -3.76
C PRO A 141 -25.30 -15.98 -3.11
N ARG A 142 -25.00 -14.87 -3.78
CA ARG A 142 -24.11 -13.85 -3.26
C ARG A 142 -24.73 -12.99 -2.17
N VAL A 143 -26.05 -13.03 -2.00
CA VAL A 143 -26.72 -12.25 -0.97
C VAL A 143 -27.49 -13.20 -0.06
N SER A 144 -27.57 -12.83 1.21
CA SER A 144 -28.33 -13.61 2.19
C SER A 144 -28.80 -12.70 3.30
N VAL A 145 -29.80 -13.16 4.05
CA VAL A 145 -30.38 -12.42 5.17
C VAL A 145 -30.06 -13.17 6.45
N VAL A 146 -29.53 -12.45 7.44
CA VAL A 146 -29.23 -13.00 8.76
C VAL A 146 -30.12 -12.30 9.76
N THR A 147 -30.86 -13.06 10.55
CA THR A 147 -31.76 -12.49 11.52
C THR A 147 -31.02 -12.20 12.81
N HIS A 148 -31.59 -11.30 13.61
CA HIS A 148 -30.99 -10.99 14.90
C HIS A 148 -30.89 -12.22 15.79
N GLN A 149 -31.82 -13.17 15.63
CA GLN A 149 -31.75 -14.39 16.43
C GLN A 149 -30.50 -15.20 16.07
N ASP A 150 -30.13 -15.21 14.78
CA ASP A 150 -29.00 -16.00 14.35
C ASP A 150 -27.68 -15.52 14.94
N ILE A 151 -27.62 -14.30 15.48
CA ILE A 151 -26.35 -13.75 15.96
C ILE A 151 -26.40 -13.30 17.41
N PHE A 152 -27.58 -12.92 17.91
CA PHE A 152 -27.66 -12.46 19.29
C PHE A 152 -27.37 -13.60 20.26
N GLN A 153 -26.68 -13.28 21.35
CA GLN A 153 -26.30 -14.27 22.34
C GLN A 153 -27.39 -14.52 23.37
N ASN A 154 -28.06 -13.46 23.85
CA ASN A 154 -29.18 -13.57 24.77
C ASN A 154 -30.48 -13.31 24.02
N GLN A 155 -31.25 -14.36 23.76
CA GLN A 155 -32.50 -14.18 23.02
C GLN A 155 -33.47 -13.24 23.73
N THR A 156 -33.33 -13.06 25.04
CA THR A 156 -34.20 -12.15 25.77
C THR A 156 -34.00 -10.71 25.34
N HIS A 157 -32.83 -10.38 24.78
CA HIS A 157 -32.62 -9.04 24.25
C HIS A 157 -33.47 -8.77 23.01
N LEU A 158 -33.95 -9.81 22.37
CA LEU A 158 -34.79 -9.74 21.20
C LEU A 158 -36.25 -9.88 21.60
N PRO A 159 -37.18 -9.25 20.86
CA PRO A 159 -36.94 -8.44 19.66
C PRO A 159 -36.25 -7.11 19.99
N THR A 160 -35.27 -6.71 19.19
CA THR A 160 -34.52 -5.50 19.42
C THR A 160 -34.91 -4.44 18.40
N PHE A 161 -34.77 -3.18 18.82
CA PHE A 161 -34.98 -2.03 17.95
C PHE A 161 -33.82 -1.06 18.07
N SER A 162 -32.67 -1.53 18.57
CA SER A 162 -31.50 -0.70 18.81
C SER A 162 -30.39 -1.14 17.86
N SER A 163 -29.97 -0.22 16.99
CA SER A 163 -28.88 -0.54 16.05
C SER A 163 -27.58 -0.84 16.77
N PRO A 164 -27.15 -0.10 17.80
CA PRO A 164 -25.93 -0.49 18.53
C PRO A 164 -25.99 -1.90 19.07
N ALA A 165 -27.17 -2.35 19.52
CA ALA A 165 -27.28 -3.72 20.02
C ALA A 165 -27.03 -4.73 18.90
N ILE A 166 -27.62 -4.49 17.72
CA ILE A 166 -27.40 -5.37 16.58
C ILE A 166 -25.92 -5.37 16.21
N GLU A 167 -25.34 -4.18 16.07
CA GLU A 167 -23.94 -4.04 15.66
C GLU A 167 -22.99 -4.67 16.66
N THR A 168 -23.46 -5.01 17.86
CA THR A 168 -22.62 -5.74 18.79
C THR A 168 -22.36 -7.15 18.31
N HIS A 169 -23.28 -7.72 17.52
CA HIS A 169 -23.25 -9.13 17.20
C HIS A 169 -23.04 -9.40 15.72
N ILE A 170 -22.89 -8.38 14.88
CA ILE A 170 -22.73 -8.63 13.47
C ILE A 170 -21.43 -9.36 13.16
N HIS A 171 -20.44 -9.27 14.06
CA HIS A 171 -19.20 -10.01 13.84
C HIS A 171 -19.36 -11.50 14.12
N ARG A 172 -20.49 -11.92 14.67
CA ARG A 172 -20.78 -13.33 14.94
C ARG A 172 -21.46 -14.02 13.77
N ILE A 173 -21.66 -13.32 12.65
CA ILE A 173 -22.37 -13.93 11.52
C ILE A 173 -21.64 -15.19 11.11
N PRO A 174 -22.33 -16.32 10.96
CA PRO A 174 -21.64 -17.56 10.54
C PRO A 174 -21.16 -17.47 9.10
N GLY A 175 -19.90 -17.85 8.88
CA GLY A 175 -19.30 -17.78 7.57
C GLY A 175 -18.75 -16.42 7.19
N LEU A 176 -18.85 -15.42 8.07
CA LEU A 176 -18.36 -14.10 7.75
C LEU A 176 -16.84 -14.14 7.59
N SER A 177 -16.34 -13.38 6.63
CA SER A 177 -14.90 -13.33 6.41
C SER A 177 -14.21 -12.66 7.59
N GLN A 178 -12.96 -13.05 7.83
CA GLN A 178 -12.25 -12.51 8.99
C GLN A 178 -12.24 -10.99 8.96
N LYS A 179 -11.95 -10.40 7.80
CA LYS A 179 -12.07 -8.96 7.58
C LYS A 179 -13.29 -8.73 6.70
N PHE A 180 -14.29 -8.07 7.25
CA PHE A 180 -15.50 -7.72 6.51
C PHE A 180 -15.68 -6.20 6.56
N ILE A 181 -16.61 -5.71 5.77
CA ILE A 181 -16.89 -4.28 5.66
C ILE A 181 -18.35 -4.07 6.04
N TYR A 182 -18.59 -3.26 7.06
CA TYR A 182 -19.94 -3.01 7.55
C TYR A 182 -20.43 -1.68 7.01
N LEU A 183 -21.64 -1.67 6.46
CA LEU A 183 -22.25 -0.46 5.95
C LEU A 183 -23.63 -0.24 6.54
N ASN A 184 -23.91 0.98 6.99
CA ASN A 184 -25.29 1.41 7.12
C ASN A 184 -25.86 1.59 5.72
N ASP A 185 -27.17 1.44 5.58
CA ASP A 185 -27.72 1.45 4.22
C ASP A 185 -27.58 2.84 3.58
N ASP A 186 -27.53 3.92 4.37
CA ASP A 186 -27.35 5.27 3.81
C ASP A 186 -25.92 5.54 3.38
N VAL A 187 -25.02 4.56 3.52
CA VAL A 187 -23.63 4.68 3.09
C VAL A 187 -23.45 3.91 1.79
N MET A 188 -22.72 4.51 0.85
CA MET A 188 -22.47 3.82 -0.41
C MET A 188 -21.15 4.28 -1.00
N PHE A 189 -20.72 3.58 -2.05
CA PHE A 189 -19.48 3.89 -2.75
C PHE A 189 -19.76 4.83 -3.92
N GLY A 190 -18.97 5.89 -4.05
CA GLY A 190 -19.17 6.86 -5.10
C GLY A 190 -18.05 6.84 -6.12
N LYS A 191 -17.03 6.02 -5.88
CA LYS A 191 -15.90 5.87 -6.79
C LYS A 191 -15.30 4.48 -6.55
N ASP A 192 -14.59 3.98 -7.56
CA ASP A 192 -14.02 2.64 -7.45
C ASP A 192 -13.13 2.54 -6.22
N VAL A 193 -13.35 1.50 -5.42
CA VAL A 193 -12.58 1.24 -4.22
C VAL A 193 -11.97 -0.16 -4.29
N TRP A 194 -10.97 -0.38 -3.44
CA TRP A 194 -10.22 -1.62 -3.40
C TRP A 194 -9.90 -1.93 -1.95
N PRO A 195 -9.58 -3.19 -1.63
CA PRO A 195 -9.23 -3.51 -0.24
C PRO A 195 -8.16 -2.60 0.34
N ASP A 196 -7.22 -2.10 -0.48
CA ASP A 196 -6.18 -1.21 0.03
C ASP A 196 -6.75 0.13 0.49
N ASP A 197 -8.00 0.43 0.16
CA ASP A 197 -8.65 1.59 0.73
C ASP A 197 -9.05 1.38 2.18
N PHE A 198 -8.95 0.16 2.69
CA PHE A 198 -9.27 -0.15 4.08
C PHE A 198 -8.10 -0.74 4.86
N TYR A 199 -7.19 -1.44 4.19
CA TYR A 199 -6.17 -2.20 4.88
C TYR A 199 -4.96 -2.35 3.96
N SER A 200 -3.78 -2.25 4.55
CA SER A 200 -2.54 -2.60 3.86
C SER A 200 -1.73 -3.50 4.78
N HIS A 201 -0.87 -4.32 4.18
CA HIS A 201 -0.08 -5.23 4.99
C HIS A 201 1.00 -4.46 5.76
N SER A 202 1.54 -3.40 5.16
CA SER A 202 2.68 -2.73 5.78
C SER A 202 2.23 -1.76 6.87
N LYS A 203 1.08 -1.10 6.69
CA LYS A 203 0.61 -0.07 7.61
C LYS A 203 -0.71 -0.44 8.28
N GLY A 204 -1.22 -1.64 8.06
CA GLY A 204 -2.42 -2.06 8.77
C GLY A 204 -3.67 -1.35 8.30
N GLN A 205 -4.69 -1.40 9.15
CA GLN A 205 -5.98 -0.82 8.80
C GLN A 205 -5.93 0.69 8.75
N LYS A 206 -6.66 1.26 7.80
CA LYS A 206 -6.78 2.70 7.69
C LYS A 206 -7.89 3.18 8.62
N VAL A 207 -7.60 4.22 9.38
CA VAL A 207 -8.55 4.79 10.32
C VAL A 207 -8.89 6.19 9.84
N TYR A 208 -10.15 6.41 9.48
CA TYR A 208 -10.64 7.68 8.98
C TYR A 208 -11.29 8.42 10.16
N LEU A 209 -10.67 9.51 10.61
CA LEU A 209 -11.13 10.23 11.78
C LEU A 209 -11.66 11.60 11.39
N THR A 210 -12.76 11.98 12.02
CA THR A 210 -13.38 13.29 11.86
C THR A 210 -13.53 13.92 13.24
N TRP A 211 -13.74 15.23 13.25
CA TRP A 211 -13.94 15.91 14.53
C TRP A 211 -15.37 15.72 15.01
N PRO A 212 -15.58 15.47 16.30
CA PRO A 212 -16.93 15.21 16.80
C PRO A 212 -17.85 16.40 16.55
N VAL A 213 -19.14 16.12 16.55
CA VAL A 213 -20.18 17.14 16.46
C VAL A 213 -20.93 17.16 17.79
N PRO A 214 -21.06 18.31 18.46
CA PRO A 214 -21.79 18.33 19.74
C PRO A 214 -23.27 18.00 19.58
N ASN A 215 -23.84 18.18 18.39
CA ASN A 215 -25.25 17.90 18.15
C ASN A 215 -25.55 16.41 18.12
N ASP A 216 -24.53 15.57 17.99
CA ASP A 216 -24.75 14.13 17.84
C ASP A 216 -25.48 13.58 19.06
N THR A 217 -26.53 12.80 18.80
CA THR A 217 -27.24 12.13 19.88
C THR A 217 -26.35 11.08 20.54
N PHE A 218 -25.39 10.53 19.80
CA PHE A 218 -24.44 9.57 20.34
C PHE A 218 -23.36 10.21 21.20
N ALA A 219 -23.41 11.53 21.43
CA ALA A 219 -22.38 12.19 22.21
C ALA A 219 -22.37 11.70 23.64
N ASP A 220 -23.53 11.36 24.20
CA ASP A 220 -23.57 10.72 25.52
C ASP A 220 -22.90 9.36 25.45
N SER A 221 -23.10 8.64 24.35
CA SER A 221 -22.45 7.35 24.17
C SER A 221 -20.95 7.51 23.98
N LEU A 222 -20.52 8.61 23.36
CA LEU A 222 -19.08 8.86 23.22
C LEU A 222 -18.43 9.14 24.57
N ARG A 223 -19.09 9.92 25.41
CA ARG A 223 -18.57 10.14 26.76
C ARG A 223 -18.47 8.84 27.54
N TYR A 224 -19.49 7.98 27.43
CA TYR A 224 -19.47 6.71 28.14
C TYR A 224 -18.33 5.83 27.64
N VAL A 225 -18.13 5.78 26.32
CA VAL A 225 -17.04 4.98 25.78
C VAL A 225 -15.69 5.66 26.06
N ASN A 226 -15.63 6.97 25.90
CA ASN A 226 -14.39 7.68 26.18
C ASN A 226 -13.92 7.42 27.61
N ARG A 227 -14.84 7.42 28.56
CA ARG A 227 -14.43 7.16 29.95
C ARG A 227 -13.89 5.76 30.12
N LEU A 228 -14.53 4.76 29.50
CA LEU A 228 -14.03 3.40 29.58
C LEU A 228 -12.66 3.27 28.92
N LEU A 229 -12.45 3.97 27.81
CA LEU A 229 -11.18 3.87 27.12
C LEU A 229 -10.09 4.61 27.89
N ASN A 230 -10.41 5.79 28.44
CA ASN A 230 -9.47 6.51 29.29
C ASN A 230 -9.11 5.69 30.52
N ALA A 231 -10.09 4.98 31.10
CA ALA A 231 -9.82 4.15 32.25
C ALA A 231 -8.92 2.97 31.90
N GLN A 232 -8.99 2.49 30.67
CA GLN A 232 -8.27 1.29 30.28
C GLN A 232 -6.86 1.58 29.77
N PHE A 233 -6.71 2.64 28.95
CA PHE A 233 -5.46 2.92 28.26
C PHE A 233 -4.82 4.23 28.69
N GLY A 234 -5.48 5.00 29.54
CA GLY A 234 -5.02 6.36 29.82
C GLY A 234 -5.77 7.39 29.00
N PHE A 235 -5.70 8.63 29.45
CA PHE A 235 -6.54 9.67 28.86
C PHE A 235 -5.95 10.17 27.56
N THR A 236 -6.78 10.21 26.51
CA THR A 236 -6.47 10.93 25.29
C THR A 236 -7.74 11.59 24.79
N SER A 237 -7.58 12.73 24.13
CA SER A 237 -8.67 13.33 23.37
C SER A 237 -8.82 12.57 22.05
N ARG A 238 -10.05 12.24 21.69
CA ARG A 238 -10.30 11.33 20.58
C ARG A 238 -11.26 11.93 19.56
N LYS A 239 -10.85 11.89 18.29
CA LYS A 239 -11.72 12.21 17.17
C LYS A 239 -12.63 11.03 16.88
N VAL A 240 -13.68 11.28 16.10
CA VAL A 240 -14.69 10.25 15.83
C VAL A 240 -14.45 9.62 14.46
N PRO A 241 -14.60 8.31 14.31
CA PRO A 241 -14.49 7.72 12.98
C PRO A 241 -15.55 8.26 12.04
N ALA A 242 -15.15 8.51 10.80
CA ALA A 242 -16.05 9.10 9.82
C ALA A 242 -17.23 8.16 9.53
N HIS A 243 -18.30 8.74 9.02
CA HIS A 243 -19.49 7.97 8.65
C HIS A 243 -19.22 7.41 7.25
N MET A 244 -18.93 6.10 7.19
CA MET A 244 -18.42 5.45 5.98
C MET A 244 -18.48 3.93 6.14
N PRO A 245 -18.16 3.17 5.11
CA PRO A 245 -18.02 1.72 5.29
C PRO A 245 -16.80 1.41 6.14
N HIS A 246 -16.96 0.55 7.14
CA HIS A 246 -15.91 0.25 8.10
C HIS A 246 -15.46 -1.19 7.94
N MET A 247 -14.17 -1.38 7.68
CA MET A 247 -13.60 -2.72 7.71
C MET A 247 -13.43 -3.12 9.16
N ILE A 248 -13.90 -4.32 9.51
CA ILE A 248 -13.80 -4.86 10.84
C ILE A 248 -13.11 -6.21 10.76
N ASP A 249 -12.18 -6.46 11.67
CA ASP A 249 -11.55 -7.76 11.81
C ASP A 249 -12.24 -8.52 12.93
N ARG A 250 -12.75 -9.72 12.62
CA ARG A 250 -13.51 -10.47 13.61
C ARG A 250 -12.67 -10.77 14.85
N LEU A 251 -11.39 -11.08 14.66
CA LEU A 251 -10.54 -11.40 15.81
C LEU A 251 -10.32 -10.18 16.71
N ILE A 252 -10.05 -9.02 16.10
CA ILE A 252 -9.88 -7.81 16.89
C ILE A 252 -11.18 -7.44 17.59
N MET A 253 -12.31 -7.57 16.89
CA MET A 253 -13.59 -7.18 17.48
C MET A 253 -13.88 -8.03 18.71
N GLN A 254 -13.57 -9.33 18.64
CA GLN A 254 -13.83 -10.19 19.79
C GLN A 254 -12.90 -9.85 20.95
N GLU A 255 -11.65 -9.49 20.65
CA GLU A 255 -10.76 -9.02 21.70
C GLU A 255 -11.31 -7.77 22.36
N LEU A 256 -11.86 -6.86 21.58
CA LEU A 256 -12.48 -5.67 22.17
C LEU A 256 -13.65 -6.06 23.05
N GLN A 257 -14.51 -6.97 22.59
CA GLN A 257 -15.66 -7.35 23.40
C GLN A 257 -15.29 -8.25 24.56
N ASP A 258 -14.17 -8.98 24.48
CA ASP A 258 -13.65 -9.70 25.63
C ASP A 258 -12.97 -8.77 26.62
N THR A 259 -12.53 -7.61 26.19
CA THR A 259 -11.93 -6.65 27.11
C THR A 259 -12.99 -5.90 27.91
N PHE A 260 -14.14 -5.61 27.31
CA PHE A 260 -15.25 -4.96 27.99
C PHE A 260 -16.51 -5.81 27.88
N PRO A 261 -16.48 -7.04 28.41
CA PRO A 261 -17.60 -7.96 28.16
C PRO A 261 -18.92 -7.47 28.74
N GLN A 262 -18.91 -6.90 29.95
CA GLN A 262 -20.17 -6.47 30.55
C GLN A 262 -20.76 -5.30 29.78
N GLU A 263 -19.92 -4.41 29.26
CA GLU A 263 -20.46 -3.23 28.60
C GLU A 263 -21.08 -3.57 27.26
N PHE A 264 -20.54 -4.58 26.57
CA PHE A 264 -21.15 -5.02 25.31
C PHE A 264 -22.43 -5.79 25.58
N ASP A 265 -22.45 -6.59 26.64
CA ASP A 265 -23.71 -7.24 27.02
C ASP A 265 -24.76 -6.21 27.43
N LYS A 266 -24.34 -5.13 28.09
CA LYS A 266 -25.28 -4.09 28.45
C LYS A 266 -25.77 -3.34 27.21
N THR A 267 -24.90 -3.16 26.21
CA THR A 267 -25.34 -2.54 24.97
C THR A 267 -26.32 -3.44 24.23
N SER A 268 -26.04 -4.74 24.18
CA SER A 268 -26.94 -5.66 23.51
C SER A 268 -28.30 -5.72 24.20
N SER A 269 -28.34 -5.57 25.53
CA SER A 269 -29.57 -5.69 26.28
C SER A 269 -30.48 -4.48 26.17
N HIS A 270 -29.97 -3.32 25.78
CA HIS A 270 -30.82 -2.16 25.57
C HIS A 270 -31.56 -2.33 24.25
N ARG A 271 -32.87 -2.55 24.32
CA ARG A 271 -33.68 -2.75 23.12
C ARG A 271 -33.98 -1.44 22.39
N VAL A 272 -33.59 -0.30 22.95
CA VAL A 272 -33.60 0.98 22.27
C VAL A 272 -32.25 1.64 22.54
N ARG A 273 -31.93 2.67 21.75
CA ARG A 273 -30.65 3.33 21.92
C ARG A 273 -30.55 3.94 23.32
N HIS A 274 -29.39 3.79 23.95
CA HIS A 274 -29.16 4.17 25.33
C HIS A 274 -27.91 5.04 25.38
N SER A 275 -27.79 5.82 26.45
CA SER A 275 -26.65 6.73 26.58
C SER A 275 -25.38 5.97 26.89
N GLU A 276 -25.47 4.81 27.55
CA GLU A 276 -24.30 4.01 27.90
C GLU A 276 -24.12 2.85 26.92
N ASP A 277 -24.35 3.09 25.63
CA ASP A 277 -24.13 2.08 24.61
C ASP A 277 -22.69 2.15 24.09
N MET A 278 -22.10 0.99 23.81
CA MET A 278 -20.81 0.94 23.13
C MET A 278 -20.97 1.26 21.65
N GLN A 279 -20.13 2.14 21.15
CA GLN A 279 -20.21 2.58 19.76
C GLN A 279 -19.45 1.62 18.88
N PHE A 280 -20.09 1.15 17.81
CA PHE A 280 -19.45 0.20 16.93
C PHE A 280 -18.11 0.72 16.42
N ALA A 281 -18.14 1.73 15.56
CA ALA A 281 -16.91 2.17 14.90
C ALA A 281 -15.95 2.81 15.89
N PHE A 282 -16.46 3.64 16.80
CA PHE A 282 -15.61 4.35 17.75
C PHE A 282 -14.84 3.38 18.64
N SER A 283 -15.55 2.40 19.22
CA SER A 283 -14.90 1.47 20.12
C SER A 283 -13.88 0.61 19.36
N TYR A 284 -14.27 0.09 18.20
CA TYR A 284 -13.39 -0.83 17.48
C TYR A 284 -12.09 -0.12 17.09
N PHE A 285 -12.20 1.00 16.38
CA PHE A 285 -11.00 1.62 15.87
C PHE A 285 -10.12 2.17 16.98
N TYR A 286 -10.69 2.63 18.09
CA TYR A 286 -9.82 3.09 19.17
C TYR A 286 -9.26 1.95 19.99
N PHE A 287 -9.96 0.82 20.06
CA PHE A 287 -9.33 -0.37 20.63
C PHE A 287 -8.18 -0.86 19.75
N LEU A 288 -8.39 -0.86 18.44
CA LEU A 288 -7.32 -1.25 17.53
C LEU A 288 -6.09 -0.37 17.71
N MET A 289 -6.31 0.93 17.92
CA MET A 289 -5.20 1.87 18.03
C MET A 289 -4.60 1.94 19.43
N SER A 290 -5.34 1.49 20.46
CA SER A 290 -4.89 1.63 21.84
C SER A 290 -4.32 0.34 22.42
N ALA A 291 -4.73 -0.82 21.92
CA ALA A 291 -4.26 -2.07 22.48
C ALA A 291 -2.74 -2.14 22.40
N VAL A 292 -2.10 -2.43 23.52
CA VAL A 292 -0.65 -2.50 23.59
C VAL A 292 -0.21 -3.94 23.80
N GLN A 293 1.03 -4.22 23.39
CA GLN A 293 1.65 -5.52 23.53
C GLN A 293 3.09 -5.32 23.98
N GLN A 294 3.57 -6.19 24.86
CA GLN A 294 4.96 -6.15 25.24
C GLN A 294 5.79 -6.96 24.24
N LEU A 295 7.06 -6.56 24.10
CA LEU A 295 7.94 -7.22 23.16
C LEU A 295 8.14 -8.68 23.54
N ASN A 296 8.29 -9.53 22.52
CA ASN A 296 8.57 -10.94 22.71
C ASN A 296 10.08 -11.11 22.69
N ILE A 297 10.64 -11.42 23.87
CA ILE A 297 12.09 -11.43 24.02
C ILE A 297 12.73 -12.45 23.08
N SER A 298 12.13 -13.64 22.97
CA SER A 298 12.70 -14.66 22.11
C SER A 298 12.76 -14.20 20.66
N GLU A 299 11.83 -13.34 20.24
CA GLU A 299 11.92 -12.78 18.90
C GLU A 299 12.95 -11.67 18.82
N VAL A 300 13.12 -10.91 19.91
CA VAL A 300 14.22 -9.95 19.97
C VAL A 300 15.55 -10.70 19.91
N PHE A 301 15.64 -11.83 20.60
CA PHE A 301 16.84 -12.66 20.55
C PHE A 301 17.16 -13.10 19.14
N ASP A 302 16.15 -13.59 18.41
CA ASP A 302 16.40 -14.11 17.08
C ASP A 302 16.92 -13.04 16.13
N GLU A 303 16.45 -11.79 16.30
CA GLU A 303 16.96 -10.72 15.46
C GLU A 303 18.41 -10.39 15.79
N ILE A 304 18.76 -10.42 17.07
CA ILE A 304 20.15 -10.23 17.48
C ILE A 304 21.00 -11.41 17.03
N ASP A 305 20.47 -12.62 17.17
CA ASP A 305 21.19 -13.86 16.85
C ASP A 305 21.20 -14.05 15.33
N THR A 306 21.94 -13.18 14.66
CA THR A 306 21.90 -13.14 13.20
C THR A 306 22.54 -14.37 12.56
N ASP A 307 23.37 -15.12 13.29
CA ASP A 307 23.91 -16.37 12.77
C ASP A 307 22.96 -17.54 13.00
N HIS A 308 21.88 -17.33 13.75
CA HIS A 308 20.91 -18.37 14.11
C HIS A 308 21.54 -19.53 14.87
N SER A 309 22.66 -19.30 15.53
CA SER A 309 23.31 -20.37 16.27
C SER A 309 22.59 -20.70 17.57
N GLY A 310 21.81 -19.76 18.12
CA GLY A 310 21.19 -19.94 19.42
C GLY A 310 21.99 -19.41 20.58
N VAL A 311 23.22 -18.95 20.34
CA VAL A 311 24.09 -18.35 21.34
C VAL A 311 24.56 -17.01 20.81
N LEU A 312 24.45 -15.97 21.62
CA LEU A 312 24.84 -14.64 21.20
C LEU A 312 26.35 -14.48 21.27
N SER A 313 26.98 -14.16 20.16
CA SER A 313 28.40 -13.82 20.16
C SER A 313 28.62 -12.45 20.77
N ASP A 314 29.89 -12.10 21.00
CA ASP A 314 30.21 -10.77 21.51
C ASP A 314 29.70 -9.69 20.55
N ARG A 315 29.81 -9.93 19.25
CA ARG A 315 29.37 -8.96 18.26
C ARG A 315 27.86 -8.74 18.35
N GLU A 316 27.12 -9.82 18.57
CA GLU A 316 25.66 -9.72 18.66
C GLU A 316 25.23 -9.11 19.98
N ILE A 317 25.95 -9.42 21.06
CA ILE A 317 25.65 -8.78 22.34
C ILE A 317 25.76 -7.27 22.21
N ARG A 318 26.69 -6.79 21.39
CA ARG A 318 26.85 -5.35 21.23
C ARG A 318 25.58 -4.74 20.65
N THR A 319 25.02 -5.37 19.62
CA THR A 319 23.77 -4.87 19.05
C THR A 319 22.67 -4.82 20.12
N LEU A 320 22.61 -5.84 20.98
CA LEU A 320 21.69 -5.78 22.11
C LEU A 320 22.00 -4.59 23.00
N ALA A 321 23.28 -4.31 23.21
CA ALA A 321 23.66 -3.20 24.07
C ALA A 321 23.15 -1.87 23.52
N THR A 322 23.23 -1.69 22.20
CA THR A 322 22.74 -0.45 21.60
C THR A 322 21.22 -0.33 21.75
N ARG A 323 20.51 -1.46 21.84
CA ARG A 323 19.06 -1.40 21.93
C ARG A 323 18.60 -0.87 23.28
N ILE A 324 19.34 -1.18 24.35
CA ILE A 324 18.90 -0.79 25.69
C ILE A 324 19.64 0.43 26.24
N HIS A 325 20.63 0.97 25.52
CA HIS A 325 21.39 2.10 26.00
C HIS A 325 21.35 3.21 24.96
N GLU A 326 21.40 4.44 25.43
CA GLU A 326 21.49 5.58 24.52
C GLU A 326 22.88 5.59 23.86
N LEU A 327 22.92 6.11 22.70
CA LEU A 327 24.23 6.29 22.08
C LEU A 327 24.82 7.63 22.52
N PRO A 328 26.16 7.76 22.62
CA PRO A 328 27.14 6.73 22.33
C PRO A 328 27.22 5.64 23.40
N LEU A 329 27.77 4.49 23.00
CA LEU A 329 27.93 3.38 23.93
C LEU A 329 29.22 3.56 24.71
N SER A 330 29.15 3.40 26.04
CA SER A 330 30.34 3.40 26.87
C SER A 330 30.79 1.96 27.11
N LEU A 331 32.06 1.82 27.50
CA LEU A 331 32.55 0.50 27.85
C LEU A 331 31.75 -0.10 28.99
N GLN A 332 31.35 0.73 29.97
CA GLN A 332 30.64 0.21 31.14
C GLN A 332 29.23 -0.25 30.76
N ASP A 333 28.58 0.44 29.82
CA ASP A 333 27.32 -0.06 29.31
C ASP A 333 27.46 -1.50 28.85
N LEU A 334 28.55 -1.80 28.15
CA LEU A 334 28.78 -3.15 27.67
C LEU A 334 29.17 -4.10 28.79
N THR A 335 30.02 -3.65 29.72
CA THR A 335 30.45 -4.54 30.79
C THR A 335 29.29 -4.84 31.73
N SER A 336 28.47 -3.84 32.04
CA SER A 336 27.33 -4.08 32.93
C SER A 336 26.38 -5.09 32.30
N LEU A 337 26.14 -4.98 30.99
CA LEU A 337 25.34 -5.99 30.31
C LEU A 337 26.00 -7.35 30.40
N GLU A 338 27.32 -7.38 30.27
CA GLU A 338 28.05 -8.64 30.40
C GLU A 338 27.88 -9.21 31.81
N GLN A 339 28.07 -8.37 32.82
CA GLN A 339 27.98 -8.84 34.20
C GLN A 339 26.57 -9.26 34.55
N MET A 340 25.55 -8.64 33.94
CA MET A 340 24.18 -9.10 34.13
C MET A 340 24.02 -10.53 33.64
N LEU A 341 24.62 -10.84 32.49
CA LEU A 341 24.54 -12.20 31.97
C LEU A 341 25.32 -13.18 32.84
N ILE A 342 26.50 -12.78 33.32
CA ILE A 342 27.29 -13.64 34.18
C ILE A 342 26.58 -13.85 35.51
N ASN A 343 26.11 -12.75 36.11
CA ASN A 343 25.33 -12.82 37.33
C ASN A 343 24.11 -13.72 37.17
N CYS A 344 23.36 -13.56 36.08
CA CYS A 344 22.13 -14.33 35.89
C CYS A 344 22.43 -15.81 35.68
N SER A 345 23.55 -16.14 35.03
CA SER A 345 23.86 -17.54 34.75
C SER A 345 24.04 -18.31 36.05
N LYS A 346 24.62 -17.66 37.06
CA LYS A 346 24.84 -18.32 38.35
C LYS A 346 23.51 -18.50 39.10
N SER A 347 22.70 -17.43 39.14
CA SER A 347 21.49 -17.46 39.95
C SER A 347 20.42 -18.33 39.32
N LEU A 348 20.23 -18.24 38.01
CA LEU A 348 19.16 -18.96 37.37
C LEU A 348 19.46 -20.47 37.37
N PRO A 349 18.42 -21.31 37.47
CA PRO A 349 18.65 -22.77 37.41
C PRO A 349 19.25 -23.19 36.08
N SER A 350 20.05 -24.26 36.13
CA SER A 350 20.83 -24.65 34.97
C SER A 350 19.96 -25.08 33.79
N ASN A 351 18.78 -25.65 34.05
CA ASN A 351 17.95 -26.14 32.96
C ASN A 351 17.42 -24.98 32.11
N LEU A 352 17.09 -23.85 32.74
CA LEU A 352 16.56 -22.71 32.00
C LEU A 352 17.64 -22.04 31.16
N THR A 353 18.90 -22.08 31.61
CA THR A 353 20.00 -21.45 30.88
C THR A 353 20.50 -22.30 29.72
N HIS A 354 20.27 -23.62 29.77
CA HIS A 354 20.70 -24.52 28.70
C HIS A 354 22.19 -24.37 28.43
N PRO A 360 26.48 -26.30 19.10
CA PRO A 360 27.31 -26.91 18.06
C PRO A 360 28.76 -26.42 18.04
N THR A 361 28.94 -25.10 18.18
CA THR A 361 30.26 -24.49 18.14
C THR A 361 30.47 -23.61 19.37
N GLN A 362 31.65 -23.75 19.99
CA GLN A 362 32.01 -22.90 21.10
C GLN A 362 32.20 -21.45 20.63
N GLU A 363 31.82 -20.51 21.48
CA GLU A 363 31.91 -19.09 21.19
C GLU A 363 33.03 -18.47 22.02
N ALA A 364 33.85 -17.65 21.38
CA ALA A 364 34.97 -16.99 22.05
C ALA A 364 34.50 -15.63 22.58
N TYR A 365 34.68 -15.41 23.87
CA TYR A 365 34.27 -14.16 24.51
C TYR A 365 35.48 -13.39 25.04
N TYR A 366 35.41 -12.07 24.98
CA TYR A 366 36.47 -11.23 25.52
C TYR A 366 36.67 -11.50 27.00
N ASP A 367 35.56 -11.58 27.75
CA ASP A 367 35.62 -11.98 29.15
C ASP A 367 35.59 -13.51 29.22
N PRO A 368 36.67 -14.15 29.66
CA PRO A 368 36.64 -15.62 29.77
C PRO A 368 35.60 -16.12 30.76
N SER A 369 35.17 -15.26 31.69
CA SER A 369 34.10 -15.61 32.63
C SER A 369 32.73 -15.62 31.97
N MET A 370 32.62 -15.21 30.72
CA MET A 370 31.31 -15.08 30.08
C MET A 370 30.73 -16.48 29.80
N PRO A 371 29.51 -16.77 30.23
CA PRO A 371 28.87 -18.04 29.89
C PRO A 371 28.35 -18.01 28.46
N PRO A 372 28.02 -19.17 27.89
CA PRO A 372 27.32 -19.16 26.60
C PRO A 372 26.02 -18.38 26.72
N VAL A 373 25.92 -17.28 25.99
CA VAL A 373 24.75 -16.41 26.04
C VAL A 373 23.62 -17.07 25.25
N THR A 374 22.92 -18.00 25.89
CA THR A 374 21.84 -18.72 25.24
C THR A 374 20.55 -17.92 25.29
N LYS A 375 19.55 -18.37 24.53
CA LYS A 375 18.26 -17.69 24.54
C LYS A 375 17.63 -17.76 25.93
N GLY A 376 17.60 -18.96 26.52
CA GLY A 376 16.97 -19.10 27.82
C GLY A 376 17.55 -18.16 28.85
N LEU A 377 18.87 -17.92 28.78
CA LEU A 377 19.51 -17.04 29.74
C LEU A 377 19.03 -15.60 29.57
N VAL A 378 18.93 -15.12 28.34
CA VAL A 378 18.53 -13.73 28.13
C VAL A 378 17.08 -13.54 28.55
N ILE A 379 16.22 -14.51 28.23
CA ILE A 379 14.80 -14.37 28.54
C ILE A 379 14.58 -14.37 30.05
N HIS A 380 15.22 -15.29 30.75
CA HIS A 380 15.03 -15.41 32.19
C HIS A 380 15.85 -14.41 32.99
N CYS A 381 16.77 -13.69 32.37
CA CYS A 381 17.55 -12.65 33.05
C CYS A 381 16.68 -11.41 33.15
N LYS A 382 16.00 -11.26 34.29
CA LYS A 382 15.08 -10.13 34.44
C LYS A 382 15.78 -8.78 34.32
N PRO A 383 16.94 -8.54 34.95
CA PRO A 383 17.57 -7.21 34.78
C PRO A 383 17.75 -6.82 33.33
N ILE A 384 17.99 -7.80 32.45
CA ILE A 384 18.13 -7.51 31.03
C ILE A 384 16.76 -7.32 30.38
N THR A 385 15.83 -8.24 30.63
CA THR A 385 14.51 -8.12 30.03
C THR A 385 13.81 -6.84 30.46
N GLU A 386 14.00 -6.42 31.71
CA GLU A 386 13.33 -5.21 32.18
C GLU A 386 13.84 -3.97 31.46
N ARG A 387 15.15 -3.94 31.18
CA ARG A 387 15.71 -2.78 30.48
C ARG A 387 15.36 -2.77 29.01
N ILE A 388 15.14 -3.94 28.41
CA ILE A 388 14.59 -3.99 27.05
C ILE A 388 13.19 -3.40 27.03
N HIS A 389 12.32 -3.89 27.92
CA HIS A 389 10.96 -3.37 28.01
C HIS A 389 10.96 -1.90 28.39
N LYS A 390 11.92 -1.47 29.21
CA LYS A 390 12.05 -0.05 29.50
C LYS A 390 12.41 0.74 28.25
N ALA A 391 13.30 0.20 27.42
CA ALA A 391 13.75 0.92 26.25
C ALA A 391 12.64 0.99 25.20
N PHE A 392 11.98 -0.13 24.96
CA PHE A 392 10.83 -0.20 24.06
C PHE A 392 9.57 -0.31 24.92
N LYS A 393 9.11 0.84 25.42
CA LYS A 393 7.90 0.89 26.26
C LYS A 393 6.76 0.15 25.56
N ASP A 394 5.67 -0.13 26.29
CA ASP A 394 4.58 -0.92 25.73
C ASP A 394 4.10 -0.36 24.39
N GLN A 395 4.09 -1.24 23.38
CA GLN A 395 3.93 -0.85 21.99
C GLN A 395 2.63 -1.38 21.43
N ASN A 396 2.19 -0.76 20.33
CA ASN A 396 0.91 -1.10 19.73
C ASN A 396 0.89 -2.54 19.25
N LYS A 397 -0.12 -3.29 19.69
CA LYS A 397 -0.31 -4.65 19.21
C LYS A 397 -0.63 -4.69 17.73
N TYR A 398 -1.35 -3.68 17.24
CA TYR A 398 -1.84 -3.66 15.88
C TYR A 398 -1.28 -2.45 15.14
N LYS A 399 -1.15 -2.59 13.82
CA LYS A 399 -0.72 -1.51 12.95
C LYS A 399 -1.93 -0.77 12.39
N PHE A 400 -1.78 0.54 12.23
CA PHE A 400 -2.87 1.35 11.70
C PHE A 400 -2.31 2.62 11.07
N GLU A 401 -3.09 3.19 10.16
CA GLU A 401 -2.72 4.38 9.42
C GLU A 401 -3.85 5.39 9.52
N ILE A 402 -3.57 6.56 10.10
CA ILE A 402 -4.57 7.61 10.19
C ILE A 402 -4.75 8.22 8.80
N MET A 403 -6.00 8.47 8.43
CA MET A 403 -6.37 8.95 7.11
C MET A 403 -7.16 10.25 7.24
N GLY A 404 -7.14 11.04 6.17
CA GLY A 404 -7.94 12.24 6.09
C GLY A 404 -9.37 11.97 5.66
N GLU A 405 -10.16 13.03 5.69
CA GLU A 405 -11.57 12.96 5.29
C GLU A 405 -11.76 13.29 3.82
N GLU A 406 -10.68 13.34 3.03
CA GLU A 406 -10.78 13.83 1.66
C GLU A 406 -11.71 12.96 0.82
N GLU A 407 -11.65 11.65 0.99
CA GLU A 407 -12.43 10.70 0.21
C GLU A 407 -13.81 10.42 0.79
N ILE A 408 -14.19 11.08 1.89
CA ILE A 408 -15.50 10.90 2.50
C ILE A 408 -16.33 12.13 2.17
N ALA A 409 -17.55 11.91 1.69
CA ALA A 409 -18.49 12.98 1.39
C ALA A 409 -19.75 12.75 2.21
N PHE A 410 -19.80 13.37 3.38
CA PHE A 410 -20.95 13.26 4.27
C PHE A 410 -21.83 14.50 4.10
N LYS A 411 -23.10 14.30 3.79
CA LYS A 411 -24.06 15.38 3.61
C LYS A 411 -25.25 15.12 4.51
N MET A 412 -25.69 16.14 5.23
CA MET A 412 -26.91 16.08 6.02
C MET A 412 -28.04 16.67 5.19
N ILE A 413 -28.97 15.83 4.75
CA ILE A 413 -30.04 16.23 3.86
C ILE A 413 -31.20 16.74 4.71
N ARG A 414 -31.42 18.05 4.69
CA ARG A 414 -32.61 18.64 5.30
C ARG A 414 -33.66 18.89 4.24
N THR A 415 -34.42 19.99 4.35
CA THR A 415 -35.54 20.26 3.47
C THR A 415 -35.36 21.52 2.63
N ASN A 416 -34.21 22.19 2.70
CA ASN A 416 -33.94 23.28 1.75
C ASN A 416 -33.65 22.69 0.39
N VAL A 417 -34.58 22.80 -0.54
CA VAL A 417 -34.37 22.17 -1.84
C VAL A 417 -33.12 22.71 -2.51
N SER A 418 -32.95 24.04 -2.52
CA SER A 418 -31.80 24.62 -3.20
C SER A 418 -30.49 24.23 -2.53
N HIS A 419 -30.52 24.02 -1.20
CA HIS A 419 -29.33 23.55 -0.49
C HIS A 419 -29.05 22.10 -0.81
N VAL A 420 -30.09 21.27 -0.91
CA VAL A 420 -29.90 19.87 -1.22
C VAL A 420 -29.33 19.71 -2.63
N VAL A 421 -29.86 20.46 -3.60
CA VAL A 421 -29.31 20.41 -4.94
C VAL A 421 -27.87 20.91 -4.92
N GLY A 422 -27.56 21.87 -4.06
CA GLY A 422 -26.19 22.33 -3.95
C GLY A 422 -25.27 21.29 -3.35
N GLN A 423 -25.76 20.55 -2.35
CA GLN A 423 -24.98 19.48 -1.75
C GLN A 423 -24.72 18.36 -2.75
N LEU A 424 -25.75 17.94 -3.47
CA LEU A 424 -25.58 16.82 -4.39
C LEU A 424 -24.75 17.21 -5.59
N ASP A 425 -24.90 18.45 -6.08
CA ASP A 425 -24.09 18.89 -7.22
C ASP A 425 -22.61 18.86 -6.88
N ASP A 426 -22.26 19.00 -5.59
CA ASP A 426 -20.88 18.91 -5.18
C ASP A 426 -20.33 17.50 -5.39
N ILE A 427 -21.15 16.49 -5.09
CA ILE A 427 -20.71 15.11 -5.32
C ILE A 427 -20.62 14.82 -6.80
N ARG A 428 -21.55 15.37 -7.59
CA ARG A 428 -21.47 15.23 -9.04
C ARG A 428 -20.17 15.81 -9.57
N LYS A 429 -19.79 16.98 -9.07
CA LYS A 429 -18.59 17.66 -9.56
C LYS A 429 -17.33 16.96 -9.08
N ASN A 430 -17.26 16.64 -7.79
CA ASN A 430 -16.06 16.08 -7.18
C ASN A 430 -16.39 14.71 -6.60
N PRO A 431 -16.20 13.63 -7.38
CA PRO A 431 -16.58 12.31 -6.88
C PRO A 431 -15.76 11.93 -5.65
N ARG A 432 -16.41 11.20 -4.74
CA ARG A 432 -15.81 10.72 -3.50
C ARG A 432 -15.95 9.22 -3.43
N LYS A 433 -14.98 8.57 -2.77
CA LYS A 433 -15.04 7.11 -2.63
C LYS A 433 -16.17 6.68 -1.73
N PHE A 434 -16.40 7.40 -0.64
CA PHE A 434 -17.42 7.07 0.34
C PHE A 434 -18.39 8.24 0.45
N ILE A 435 -19.66 7.96 0.16
CA ILE A 435 -20.72 8.96 0.18
C ILE A 435 -21.74 8.52 1.21
N CYS A 436 -22.25 9.47 1.99
CA CYS A 436 -23.36 9.22 2.91
C CYS A 436 -24.33 10.39 2.85
N LEU A 437 -25.52 10.15 2.32
CA LEU A 437 -26.57 11.14 2.29
C LEU A 437 -27.51 10.85 3.47
N ASN A 438 -27.27 11.54 4.58
CA ASN A 438 -27.97 11.29 5.82
C ASN A 438 -29.35 11.95 5.76
N ASP A 439 -30.40 11.13 5.86
CA ASP A 439 -31.77 11.60 5.69
C ASP A 439 -32.22 12.28 6.99
N ASN A 440 -32.26 13.62 6.95
CA ASN A 440 -32.79 14.43 8.03
C ASN A 440 -33.98 15.25 7.54
N ILE A 441 -34.73 14.71 6.59
CA ILE A 441 -35.86 15.43 6.01
C ILE A 441 -36.98 15.51 7.03
N ASP A 442 -37.64 16.66 7.07
CA ASP A 442 -38.81 16.87 7.92
C ASP A 442 -40.07 16.69 7.08
N HIS A 443 -40.88 15.69 7.40
CA HIS A 443 -42.09 15.44 6.62
C HIS A 443 -43.14 16.51 6.82
N ILE A 444 -43.09 17.25 7.94
CA ILE A 444 -44.05 18.33 8.16
C ILE A 444 -43.87 19.42 7.12
N HIS A 445 -42.62 19.72 6.77
CA HIS A 445 -42.32 20.73 5.76
C HIS A 445 -42.94 20.34 4.42
N LYS A 446 -43.27 21.35 3.62
CA LYS A 446 -44.00 21.11 2.39
C LYS A 446 -43.09 20.57 1.29
N ASP A 447 -41.86 21.09 1.20
CA ASP A 447 -40.92 20.70 0.17
C ASP A 447 -40.23 19.36 0.44
N ALA A 448 -40.68 18.63 1.47
CA ALA A 448 -40.05 17.34 1.77
C ALA A 448 -40.16 16.37 0.60
N GLY A 449 -41.32 16.30 -0.03
CA GLY A 449 -41.46 15.46 -1.20
C GLY A 449 -40.59 15.89 -2.36
N THR A 450 -40.35 17.18 -2.49
CA THR A 450 -39.44 17.64 -3.55
C THR A 450 -38.01 17.20 -3.28
N VAL A 451 -37.55 17.35 -2.04
CA VAL A 451 -36.20 16.93 -1.68
C VAL A 451 -36.02 15.44 -1.95
N LYS A 452 -37.03 14.64 -1.63
CA LYS A 452 -36.95 13.21 -1.89
C LYS A 452 -36.81 12.95 -3.39
N ALA A 453 -37.55 13.69 -4.21
CA ALA A 453 -37.41 13.53 -5.66
C ALA A 453 -36.03 13.94 -6.15
N VAL A 454 -35.37 14.87 -5.45
CA VAL A 454 -34.03 15.29 -5.83
C VAL A 454 -33.02 14.20 -5.51
N LEU A 455 -33.15 13.57 -4.34
CA LEU A 455 -32.28 12.46 -4.00
C LEU A 455 -32.42 11.32 -5.01
N ARG A 456 -33.67 10.93 -5.30
CA ARG A 456 -33.90 9.92 -6.33
C ARG A 456 -33.24 10.32 -7.64
N ASP A 457 -33.40 11.58 -8.05
CA ASP A 457 -32.76 12.02 -9.27
C ASP A 457 -31.24 11.84 -9.19
N PHE A 458 -30.67 12.13 -8.02
CA PHE A 458 -29.24 11.95 -7.82
C PHE A 458 -28.86 10.47 -7.82
N TYR A 459 -29.57 9.67 -7.04
CA TYR A 459 -29.28 8.24 -6.99
C TYR A 459 -29.40 7.60 -8.37
N GLU A 460 -30.43 7.97 -9.13
CA GLU A 460 -30.62 7.40 -10.46
C GLU A 460 -29.58 7.91 -11.44
N SER A 461 -29.03 9.11 -11.21
CA SER A 461 -27.97 9.60 -12.08
C SER A 461 -26.69 8.78 -11.89
N MET A 462 -26.42 8.35 -10.66
CA MET A 462 -25.17 7.68 -10.34
C MET A 462 -25.26 6.17 -10.55
N PHE A 463 -26.37 5.54 -10.15
CA PHE A 463 -26.53 4.09 -10.22
C PHE A 463 -27.86 3.77 -10.90
N PRO A 464 -27.94 3.95 -12.23
CA PRO A 464 -29.20 3.69 -12.92
C PRO A 464 -29.45 2.22 -13.20
N LEU A 465 -28.41 1.40 -13.22
CA LEU A 465 -28.57 -0.01 -13.59
C LEU A 465 -29.00 -0.84 -12.39
N PRO A 466 -30.06 -1.62 -12.49
CA PRO A 466 -30.40 -2.55 -11.40
C PRO A 466 -29.28 -3.56 -11.20
N SER A 467 -29.11 -3.99 -9.95
CA SER A 467 -28.06 -4.91 -9.59
C SER A 467 -28.57 -6.35 -9.63
N GLN A 468 -27.63 -7.29 -9.55
CA GLN A 468 -27.95 -8.71 -9.50
C GLN A 468 -28.68 -9.11 -8.23
N PHE A 469 -28.86 -8.19 -7.30
CA PHE A 469 -29.56 -8.45 -6.05
C PHE A 469 -30.98 -7.92 -6.05
N GLU A 470 -31.41 -7.28 -7.13
CA GLU A 470 -32.78 -6.85 -7.32
C GLU A 470 -33.50 -7.88 -8.19
N LEU A 471 -34.73 -8.21 -7.80
CA LEU A 471 -35.50 -9.18 -8.57
C LEU A 471 -35.81 -8.64 -9.96
N PRO A 472 -35.86 -9.54 -10.97
CA PRO A 472 -36.37 -9.13 -12.29
C PRO A 472 -37.75 -8.52 -12.19
N ARG A 473 -37.84 -7.21 -12.37
CA ARG A 473 -39.06 -6.48 -12.05
C ARG A 473 -39.23 -5.22 -12.87
N GLY B 9 -18.87 -53.54 -6.62
CA GLY B 9 -19.75 -52.44 -6.97
C GLY B 9 -19.12 -51.42 -7.91
N SER B 10 -19.87 -50.39 -8.31
CA SER B 10 -19.30 -49.37 -9.18
C SER B 10 -20.17 -48.13 -9.24
N GLU B 11 -19.53 -46.96 -9.11
CA GLU B 11 -20.11 -45.66 -9.42
C GLU B 11 -19.06 -44.58 -9.16
N VAL B 12 -19.07 -43.51 -9.94
CA VAL B 12 -18.04 -42.49 -9.88
C VAL B 12 -18.69 -41.13 -9.64
N VAL B 13 -17.91 -40.21 -9.08
CA VAL B 13 -18.36 -38.86 -8.77
C VAL B 13 -17.29 -37.88 -9.21
N VAL B 14 -17.72 -36.67 -9.62
CA VAL B 14 -16.76 -35.63 -9.91
C VAL B 14 -15.93 -35.38 -8.65
N GLU B 15 -14.71 -34.88 -8.84
CA GLU B 15 -13.76 -34.72 -7.75
C GLU B 15 -14.06 -33.44 -7.00
N TRP B 16 -14.38 -33.57 -5.71
CA TRP B 16 -14.50 -32.40 -4.86
C TRP B 16 -13.18 -31.68 -4.71
N SER B 17 -12.09 -32.43 -4.71
CA SER B 17 -10.79 -31.87 -4.39
C SER B 17 -10.32 -30.92 -5.48
N ARG B 18 -9.76 -29.80 -5.04
CA ARG B 18 -9.13 -28.82 -5.92
C ARG B 18 -7.69 -28.66 -5.44
N ASP B 19 -6.74 -28.82 -6.35
CA ASP B 19 -5.36 -28.51 -6.00
C ASP B 19 -5.26 -27.04 -5.59
N GLN B 20 -4.24 -26.73 -4.79
CA GLN B 20 -4.07 -25.36 -4.32
C GLN B 20 -3.99 -24.35 -5.46
N TYR B 21 -3.81 -24.82 -6.70
CA TYR B 21 -3.77 -23.95 -7.87
C TYR B 21 -5.18 -23.66 -8.34
N HIS B 22 -6.03 -24.70 -8.37
CA HIS B 22 -7.46 -24.52 -8.62
C HIS B 22 -8.13 -23.77 -7.47
N VAL B 23 -7.67 -23.98 -6.23
CA VAL B 23 -8.21 -23.23 -5.10
C VAL B 23 -7.96 -21.74 -5.28
N LEU B 24 -6.76 -21.37 -5.73
CA LEU B 24 -6.46 -19.98 -5.95
C LEU B 24 -7.21 -19.45 -7.17
N PHE B 25 -7.26 -20.23 -8.25
CA PHE B 25 -7.99 -19.79 -9.45
C PHE B 25 -9.47 -19.57 -9.12
N ASP B 26 -10.04 -20.43 -8.27
CA ASP B 26 -11.45 -20.28 -7.93
C ASP B 26 -11.66 -19.13 -6.95
N SER B 27 -10.71 -18.90 -6.05
CA SER B 27 -10.89 -17.85 -5.05
C SER B 27 -10.95 -16.47 -5.69
N TYR B 28 -10.15 -16.24 -6.72
CA TYR B 28 -10.10 -14.92 -7.35
C TYR B 28 -11.30 -14.64 -8.23
N ARG B 29 -12.07 -15.67 -8.58
CA ARG B 29 -13.35 -15.47 -9.26
C ARG B 29 -14.53 -15.51 -8.30
N ASP B 30 -14.28 -15.71 -7.00
CA ASP B 30 -15.33 -15.86 -6.00
C ASP B 30 -15.75 -14.48 -5.48
N ASN B 31 -16.38 -13.71 -6.36
CA ASN B 31 -16.81 -12.37 -6.02
C ASN B 31 -18.04 -12.02 -6.84
N VAL B 32 -18.67 -10.91 -6.47
CA VAL B 32 -19.97 -10.58 -7.06
C VAL B 32 -19.87 -10.41 -8.57
N ALA B 33 -18.69 -10.02 -9.07
CA ALA B 33 -18.50 -9.87 -10.50
C ALA B 33 -18.16 -11.17 -11.19
N GLY B 34 -17.76 -12.20 -10.44
CA GLY B 34 -17.29 -13.43 -11.04
C GLY B 34 -16.01 -13.31 -11.84
N LYS B 35 -15.25 -12.24 -11.62
CA LYS B 35 -14.07 -11.90 -12.39
C LYS B 35 -12.86 -11.84 -11.48
N SER B 36 -11.70 -12.24 -12.01
CA SER B 36 -10.46 -12.14 -11.26
C SER B 36 -9.90 -10.73 -11.30
N PHE B 37 -9.64 -10.17 -10.12
CA PHE B 37 -8.99 -8.88 -9.97
C PHE B 37 -7.58 -9.04 -9.42
N GLN B 38 -6.99 -10.19 -9.69
CA GLN B 38 -5.70 -10.51 -9.08
C GLN B 38 -4.63 -9.49 -9.44
N THR B 39 -4.66 -8.97 -10.67
CA THR B 39 -3.62 -8.02 -11.07
C THR B 39 -3.68 -6.76 -10.22
N ARG B 40 -4.87 -6.38 -9.75
CA ARG B 40 -5.03 -5.19 -8.91
C ARG B 40 -4.87 -5.51 -7.43
N LEU B 41 -5.28 -6.70 -7.01
CA LEU B 41 -5.18 -7.09 -5.61
C LEU B 41 -3.77 -7.51 -5.21
N CYS B 42 -2.94 -7.89 -6.17
CA CYS B 42 -1.60 -8.35 -5.89
C CYS B 42 -0.56 -7.39 -6.46
N LEU B 43 0.59 -7.32 -5.80
CA LEU B 43 1.67 -6.47 -6.25
C LEU B 43 2.25 -7.02 -7.54
N PRO B 44 2.88 -6.16 -8.35
CA PRO B 44 3.42 -6.62 -9.63
C PRO B 44 4.61 -7.55 -9.42
N MET B 45 4.60 -8.68 -10.11
CA MET B 45 5.65 -9.67 -10.10
C MET B 45 5.77 -10.18 -11.53
N PRO B 46 6.97 -10.57 -11.97
CA PRO B 46 8.22 -10.63 -11.20
C PRO B 46 8.90 -9.28 -11.00
N ILE B 47 9.83 -9.23 -10.05
CA ILE B 47 10.65 -8.05 -9.81
C ILE B 47 12.10 -8.53 -9.68
N ASP B 48 12.94 -8.10 -10.61
CA ASP B 48 14.36 -8.44 -10.61
C ASP B 48 15.20 -7.35 -9.97
N VAL B 49 16.42 -7.72 -9.59
CA VAL B 49 17.39 -6.78 -9.04
C VAL B 49 18.56 -6.71 -10.01
N VAL B 50 19.07 -5.50 -10.21
CA VAL B 50 20.22 -5.26 -11.09
C VAL B 50 21.30 -4.55 -10.29
N TYR B 51 22.53 -5.03 -10.42
CA TYR B 51 23.69 -4.40 -9.80
C TYR B 51 24.62 -3.90 -10.90
N THR B 52 25.49 -2.95 -10.53
CA THR B 52 26.71 -2.65 -11.27
C THR B 52 27.88 -2.97 -10.36
N TRP B 53 28.85 -3.72 -10.86
CA TRP B 53 30.00 -4.11 -10.07
C TRP B 53 31.27 -4.00 -10.89
N VAL B 54 32.32 -3.50 -10.25
CA VAL B 54 33.62 -3.35 -10.89
C VAL B 54 34.69 -3.73 -9.87
N ASN B 55 35.75 -4.35 -10.35
CA ASN B 55 36.86 -4.77 -9.51
C ASN B 55 38.04 -3.85 -9.86
N GLY B 56 38.43 -3.00 -8.89
CA GLY B 56 39.44 -1.99 -9.15
C GLY B 56 40.85 -2.55 -9.20
N THR B 57 41.08 -3.69 -8.56
CA THR B 57 42.40 -4.34 -8.60
C THR B 57 42.70 -5.00 -9.94
N ASP B 58 41.71 -5.17 -10.81
CA ASP B 58 41.92 -5.79 -12.11
C ASP B 58 43.00 -5.03 -12.89
N PRO B 59 44.11 -5.67 -13.27
CA PRO B 59 45.15 -4.93 -14.01
C PRO B 59 44.69 -4.47 -15.40
N LYS B 60 43.93 -5.29 -16.11
CA LYS B 60 43.42 -4.87 -17.40
C LYS B 60 42.61 -3.58 -17.28
N LEU B 61 41.88 -3.42 -16.17
CA LEU B 61 41.08 -2.21 -15.99
C LEU B 61 41.98 -1.01 -15.74
N ILE B 62 42.90 -1.12 -14.80
CA ILE B 62 43.80 0.00 -14.51
C ILE B 62 44.53 0.44 -15.77
N LYS B 63 44.87 -0.50 -16.66
CA LYS B 63 45.59 -0.13 -17.87
C LYS B 63 44.72 0.69 -18.82
N GLU B 64 43.50 0.20 -19.09
CA GLU B 64 42.67 0.86 -20.09
C GLU B 64 42.27 2.27 -19.66
N VAL B 65 42.11 2.50 -18.36
CA VAL B 65 41.72 3.83 -17.90
C VAL B 65 42.85 4.82 -18.17
N THR B 66 44.06 4.47 -17.75
CA THR B 66 45.21 5.37 -17.94
C THR B 66 45.49 5.62 -19.41
N GLU B 67 45.32 4.59 -20.25
CA GLU B 67 45.56 4.75 -21.68
C GLU B 67 44.56 5.72 -22.32
N LEU B 68 43.37 5.85 -21.74
CA LEU B 68 42.36 6.76 -22.28
C LEU B 68 42.75 8.21 -22.08
N ASP B 103 38.09 -3.15 -1.78
CA ASP B 103 36.86 -2.71 -1.11
C ASP B 103 36.54 -3.63 0.07
N ASN B 104 35.29 -3.59 0.53
CA ASN B 104 34.83 -4.41 1.65
C ASN B 104 34.00 -5.61 1.19
N GLU B 105 34.07 -5.95 -0.09
CA GLU B 105 33.23 -7.00 -0.67
C GLU B 105 31.76 -6.72 -0.36
N GLU B 106 31.36 -5.47 -0.59
CA GLU B 106 30.01 -5.04 -0.25
C GLU B 106 28.96 -5.80 -1.06
N LEU B 107 29.23 -6.05 -2.34
CA LEU B 107 28.27 -6.78 -3.16
C LEU B 107 27.97 -8.14 -2.54
N ARG B 108 29.00 -8.81 -2.00
CA ARG B 108 28.76 -10.06 -1.31
C ARG B 108 27.73 -9.88 -0.21
N TYR B 109 27.93 -8.89 0.65
CA TYR B 109 27.00 -8.66 1.75
C TYR B 109 25.66 -8.11 1.26
N SER B 110 25.67 -7.34 0.17
CA SER B 110 24.41 -6.84 -0.37
C SER B 110 23.56 -7.99 -0.88
N LEU B 111 24.18 -8.98 -1.53
CA LEU B 111 23.43 -10.16 -1.95
C LEU B 111 22.91 -10.92 -0.76
N ARG B 112 23.66 -10.95 0.34
CA ARG B 112 23.16 -11.57 1.56
C ARG B 112 21.95 -10.83 2.09
N SER B 113 21.92 -9.49 1.93
CA SER B 113 20.79 -8.72 2.41
C SER B 113 19.53 -8.98 1.59
N ILE B 114 19.70 -9.34 0.32
CA ILE B 114 18.54 -9.70 -0.50
C ILE B 114 17.95 -11.01 -0.05
N GLU B 115 18.80 -12.01 0.21
CA GLU B 115 18.32 -13.32 0.63
C GLU B 115 17.55 -13.24 1.95
N LYS B 116 17.95 -12.31 2.83
CA LYS B 116 17.33 -12.19 4.14
C LYS B 116 16.11 -11.28 4.11
N HIS B 117 16.17 -10.18 3.36
CA HIS B 117 15.16 -9.15 3.44
C HIS B 117 14.35 -8.93 2.17
N ALA B 118 14.78 -9.46 1.02
CA ALA B 118 14.00 -9.37 -0.22
C ALA B 118 13.95 -10.75 -0.89
N PRO B 119 13.36 -11.74 -0.22
CA PRO B 119 13.32 -13.09 -0.81
C PRO B 119 12.40 -13.23 -2.00
N TRP B 120 11.53 -12.25 -2.26
CA TRP B 120 10.61 -12.29 -3.40
C TRP B 120 11.29 -11.97 -4.74
N VAL B 121 12.56 -11.56 -4.74
CA VAL B 121 13.23 -11.20 -5.97
C VAL B 121 13.41 -12.42 -6.85
N ARG B 122 13.12 -12.26 -8.14
CA ARG B 122 13.23 -13.39 -9.06
C ARG B 122 14.67 -13.67 -9.45
N HIS B 123 15.29 -12.73 -10.14
CA HIS B 123 16.63 -12.92 -10.68
C HIS B 123 17.49 -11.72 -10.35
N ILE B 124 18.78 -11.97 -10.14
CA ILE B 124 19.73 -10.92 -9.82
C ILE B 124 20.71 -10.83 -10.98
N PHE B 125 20.67 -9.70 -11.70
CA PHE B 125 21.62 -9.43 -12.78
C PHE B 125 22.76 -8.58 -12.25
N ILE B 126 23.99 -8.99 -12.54
CA ILE B 126 25.19 -8.23 -12.18
C ILE B 126 25.82 -7.73 -13.48
N VAL B 127 25.85 -6.41 -13.67
CA VAL B 127 26.37 -5.81 -14.89
C VAL B 127 27.83 -5.47 -14.66
N THR B 128 28.70 -6.03 -15.50
CA THR B 128 30.13 -5.77 -15.43
C THR B 128 30.66 -5.46 -16.82
N ASN B 129 31.92 -5.03 -16.88
CA ASN B 129 32.63 -4.89 -18.14
C ASN B 129 33.06 -6.23 -18.72
N GLY B 130 32.86 -7.32 -17.98
CA GLY B 130 33.35 -8.63 -18.33
C GLY B 130 33.89 -9.33 -17.11
N GLN B 131 34.26 -8.53 -16.11
CA GLN B 131 34.82 -9.10 -14.90
C GLN B 131 33.82 -10.00 -14.21
N ILE B 132 34.32 -11.05 -13.59
CA ILE B 132 33.52 -12.02 -12.85
C ILE B 132 34.02 -12.02 -11.42
N PRO B 133 33.17 -11.76 -10.43
CA PRO B 133 33.64 -11.86 -9.03
C PRO B 133 34.15 -13.27 -8.74
N SER B 134 35.22 -13.34 -7.95
CA SER B 134 35.82 -14.62 -7.62
C SER B 134 34.85 -15.50 -6.85
N TRP B 135 34.08 -14.91 -5.92
CA TRP B 135 33.18 -15.64 -5.06
C TRP B 135 31.84 -15.95 -5.69
N LEU B 136 31.51 -15.32 -6.82
CA LEU B 136 30.17 -15.46 -7.37
C LEU B 136 29.98 -16.88 -7.91
N ASN B 137 28.88 -17.50 -7.53
CA ASN B 137 28.56 -18.87 -7.92
C ASN B 137 27.66 -18.83 -9.15
N LEU B 138 28.28 -18.86 -10.32
CA LEU B 138 27.56 -18.82 -11.59
C LEU B 138 26.77 -20.09 -11.87
N ASP B 139 26.86 -21.10 -11.00
CA ASP B 139 26.00 -22.27 -11.11
C ASP B 139 24.58 -22.00 -10.65
N ASN B 140 24.38 -20.99 -9.83
CA ASN B 140 23.04 -20.64 -9.37
C ASN B 140 22.27 -19.96 -10.50
N PRO B 141 21.11 -20.49 -10.91
CA PRO B 141 20.39 -19.88 -12.03
C PRO B 141 19.73 -18.56 -11.66
N ARG B 142 19.72 -18.19 -10.38
CA ARG B 142 19.10 -16.94 -9.95
C ARG B 142 19.98 -15.74 -10.27
N VAL B 143 21.29 -15.94 -10.35
CA VAL B 143 22.24 -14.86 -10.59
C VAL B 143 22.90 -15.08 -11.95
N SER B 144 23.21 -13.98 -12.62
CA SER B 144 23.91 -14.03 -13.89
C SER B 144 24.74 -12.77 -14.03
N VAL B 145 25.73 -12.83 -14.91
CA VAL B 145 26.61 -11.70 -15.20
C VAL B 145 26.29 -11.21 -16.61
N VAL B 146 25.94 -9.94 -16.72
CA VAL B 146 25.67 -9.30 -17.99
C VAL B 146 26.80 -8.32 -18.27
N THR B 147 27.36 -8.39 -19.47
CA THR B 147 28.47 -7.51 -19.84
C THR B 147 27.94 -6.27 -20.52
N HIS B 148 28.72 -5.19 -20.44
CA HIS B 148 28.29 -3.94 -21.06
C HIS B 148 27.99 -4.12 -22.54
N GLN B 149 28.68 -5.06 -23.20
CA GLN B 149 28.44 -5.26 -24.62
C GLN B 149 27.00 -5.71 -24.88
N ASP B 150 26.44 -6.50 -23.97
CA ASP B 150 25.10 -7.03 -24.17
C ASP B 150 24.04 -5.95 -24.12
N ILE B 151 24.34 -4.80 -23.51
CA ILE B 151 23.32 -3.79 -23.27
C ILE B 151 23.63 -2.48 -23.99
N PHE B 152 24.91 -2.17 -24.19
CA PHE B 152 25.26 -0.92 -24.84
C PHE B 152 24.84 -0.96 -26.31
N GLN B 153 24.40 0.18 -26.83
CA GLN B 153 23.90 0.25 -28.19
C GLN B 153 25.02 0.54 -29.20
N ASN B 154 25.92 1.46 -28.88
CA ASN B 154 27.05 1.81 -29.74
C ASN B 154 28.31 1.25 -29.10
N GLN B 155 28.89 0.23 -29.73
CA GLN B 155 30.06 -0.44 -29.16
C GLN B 155 31.27 0.49 -29.05
N THR B 156 31.30 1.57 -29.83
CA THR B 156 32.42 2.50 -29.77
C THR B 156 32.48 3.23 -28.44
N HIS B 157 31.35 3.34 -27.73
CA HIS B 157 31.34 3.90 -26.38
C HIS B 157 32.07 3.01 -25.39
N LEU B 158 32.18 1.70 -25.67
CA LEU B 158 32.89 0.75 -24.86
C LEU B 158 34.33 0.60 -25.35
N PRO B 159 35.28 0.32 -24.45
CA PRO B 159 35.11 0.14 -23.00
C PRO B 159 34.74 1.43 -22.29
N THR B 160 33.90 1.35 -21.26
CA THR B 160 33.46 2.51 -20.51
C THR B 160 33.98 2.45 -19.09
N PHE B 161 34.07 3.62 -18.46
CA PHE B 161 34.47 3.72 -17.05
C PHE B 161 33.56 4.71 -16.31
N SER B 162 32.36 4.95 -16.83
CA SER B 162 31.41 5.91 -16.27
C SER B 162 30.14 5.17 -15.90
N SER B 163 29.79 5.21 -14.61
CA SER B 163 28.54 4.59 -14.17
C SER B 163 27.33 5.22 -14.83
N PRO B 164 27.24 6.55 -14.97
CA PRO B 164 26.11 7.11 -15.72
C PRO B 164 25.97 6.56 -17.12
N ALA B 165 27.07 6.20 -17.77
CA ALA B 165 26.96 5.60 -19.09
C ALA B 165 26.36 4.20 -19.01
N ILE B 166 26.83 3.39 -18.07
CA ILE B 166 26.32 2.04 -17.91
C ILE B 166 24.85 2.08 -17.50
N GLU B 167 24.53 2.95 -16.53
CA GLU B 167 23.17 3.08 -16.04
C GLU B 167 22.19 3.48 -17.13
N THR B 168 22.70 4.00 -18.25
CA THR B 168 21.84 4.38 -19.35
C THR B 168 21.23 3.15 -20.03
N HIS B 169 21.88 1.99 -19.91
CA HIS B 169 21.45 0.82 -20.67
C HIS B 169 21.01 -0.35 -19.79
N ILE B 170 20.99 -0.20 -18.47
CA ILE B 170 20.63 -1.35 -17.63
C ILE B 170 19.18 -1.78 -17.87
N HIS B 171 18.34 -0.89 -18.36
CA HIS B 171 16.97 -1.27 -18.70
C HIS B 171 16.90 -2.10 -19.97
N ARG B 172 18.02 -2.27 -20.68
CA ARG B 172 18.08 -3.07 -21.90
C ARG B 172 18.51 -4.51 -21.63
N ILE B 173 18.65 -4.89 -20.37
CA ILE B 173 19.05 -6.27 -20.06
C ILE B 173 18.03 -7.23 -20.66
N PRO B 174 18.45 -8.32 -21.31
CA PRO B 174 17.47 -9.29 -21.80
C PRO B 174 16.82 -10.09 -20.68
N GLY B 175 15.51 -10.27 -20.80
CA GLY B 175 14.75 -10.99 -19.78
C GLY B 175 14.44 -10.20 -18.53
N LEU B 176 14.80 -8.92 -18.50
CA LEU B 176 14.58 -8.10 -17.32
C LEU B 176 13.10 -7.88 -17.07
N SER B 177 12.71 -7.97 -15.80
CA SER B 177 11.32 -7.71 -15.44
C SER B 177 10.98 -6.25 -15.71
N GLN B 178 9.70 -6.01 -16.04
CA GLN B 178 9.28 -4.67 -16.45
C GLN B 178 9.57 -3.65 -15.36
N LYS B 179 9.32 -4.01 -14.11
CA LYS B 179 9.70 -3.21 -12.96
C LYS B 179 10.85 -3.94 -12.26
N PHE B 180 12.00 -3.29 -12.16
CA PHE B 180 13.17 -3.89 -11.51
C PHE B 180 13.74 -2.89 -10.51
N ILE B 181 14.66 -3.38 -9.69
CA ILE B 181 15.28 -2.61 -8.62
C ILE B 181 16.78 -2.53 -8.87
N TYR B 182 17.30 -1.32 -8.98
CA TYR B 182 18.71 -1.10 -9.31
C TYR B 182 19.46 -0.66 -8.06
N LEU B 183 20.51 -1.38 -7.72
CA LEU B 183 21.32 -1.08 -6.55
C LEU B 183 22.78 -0.88 -6.97
N ASN B 184 23.46 0.07 -6.33
CA ASN B 184 24.90 0.05 -6.29
C ASN B 184 25.34 -0.91 -5.19
N ASP B 185 26.55 -1.47 -5.35
CA ASP B 185 26.99 -2.49 -4.40
C ASP B 185 27.16 -1.96 -2.98
N ASP B 186 27.29 -0.65 -2.81
CA ASP B 186 27.40 -0.08 -1.46
C ASP B 186 26.05 0.03 -0.77
N VAL B 187 24.95 -0.21 -1.48
CA VAL B 187 23.61 -0.12 -0.93
C VAL B 187 23.13 -1.52 -0.55
N MET B 188 22.46 -1.62 0.60
CA MET B 188 21.92 -2.90 1.03
C MET B 188 20.62 -2.70 1.79
N PHE B 189 19.96 -3.81 2.07
CA PHE B 189 18.72 -3.81 2.85
C PHE B 189 19.04 -4.11 4.30
N GLY B 190 18.54 -3.27 5.20
CA GLY B 190 18.81 -3.46 6.62
C GLY B 190 17.58 -3.89 7.40
N LYS B 191 16.45 -4.05 6.70
CA LYS B 191 15.20 -4.47 7.31
C LYS B 191 14.37 -5.16 6.23
N ASP B 192 13.38 -5.92 6.68
CA ASP B 192 12.50 -6.60 5.73
C ASP B 192 11.86 -5.59 4.78
N VAL B 193 12.06 -5.79 3.48
CA VAL B 193 11.46 -4.95 2.45
C VAL B 193 10.50 -5.79 1.61
N TRP B 194 9.60 -5.11 0.92
CA TRP B 194 8.57 -5.73 0.12
C TRP B 194 8.30 -4.86 -1.10
N PRO B 195 7.72 -5.43 -2.15
CA PRO B 195 7.47 -4.62 -3.36
C PRO B 195 6.66 -3.38 -3.08
N ASP B 196 5.79 -3.37 -2.06
CA ASP B 196 5.03 -2.16 -1.76
C ASP B 196 5.89 -1.06 -1.15
N ASP B 197 7.13 -1.37 -0.75
CA ASP B 197 8.05 -0.31 -0.35
C ASP B 197 8.53 0.50 -1.54
N PHE B 198 8.29 0.03 -2.76
CA PHE B 198 8.68 0.71 -3.98
C PHE B 198 7.51 1.11 -4.86
N TYR B 199 6.39 0.39 -4.79
CA TYR B 199 5.27 0.63 -5.69
C TYR B 199 3.98 0.10 -5.09
N SER B 200 2.89 0.82 -5.34
CA SER B 200 1.55 0.37 -5.02
C SER B 200 0.68 0.60 -6.24
N HIS B 201 -0.41 -0.17 -6.35
CA HIS B 201 -1.33 0.05 -7.45
C HIS B 201 -2.11 1.35 -7.28
N SER B 202 -2.35 1.77 -6.05
CA SER B 202 -3.20 2.92 -5.80
C SER B 202 -2.47 4.25 -5.91
N LYS B 203 -1.22 4.29 -5.45
CA LYS B 203 -0.44 5.53 -5.45
C LYS B 203 0.78 5.46 -6.36
N GLY B 204 0.90 4.40 -7.17
CA GLY B 204 2.01 4.33 -8.10
C GLY B 204 3.34 4.19 -7.39
N GLN B 205 4.40 4.50 -8.11
CA GLN B 205 5.75 4.35 -7.58
C GLN B 205 5.98 5.33 -6.44
N LYS B 206 6.73 4.88 -5.44
CA LYS B 206 7.12 5.73 -4.32
C LYS B 206 8.44 6.40 -4.67
N VAL B 207 8.52 7.71 -4.39
CA VAL B 207 9.67 8.53 -4.76
C VAL B 207 10.24 9.08 -3.47
N TYR B 208 11.50 8.76 -3.18
CA TYR B 208 12.17 9.17 -1.96
C TYR B 208 13.11 10.33 -2.30
N LEU B 209 12.76 11.52 -1.87
CA LEU B 209 13.48 12.73 -2.25
C LEU B 209 14.20 13.34 -1.07
N THR B 210 15.41 13.84 -1.33
CA THR B 210 16.23 14.49 -0.31
C THR B 210 16.62 15.87 -0.80
N TRP B 211 17.02 16.72 0.14
CA TRP B 211 17.44 18.06 -0.21
C TRP B 211 18.80 18.01 -0.89
N PRO B 212 18.99 18.70 -2.02
CA PRO B 212 20.26 18.60 -2.73
C PRO B 212 21.41 19.06 -1.84
N VAL B 213 22.59 18.50 -2.11
CA VAL B 213 23.81 18.83 -1.38
C VAL B 213 24.72 19.60 -2.32
N PRO B 214 25.20 20.79 -1.96
CA PRO B 214 26.10 21.53 -2.86
C PRO B 214 27.47 20.87 -3.03
N ASN B 215 27.89 20.02 -2.10
CA ASN B 215 29.19 19.38 -2.24
C ASN B 215 29.18 18.29 -3.30
N ASP B 216 28.03 17.65 -3.53
CA ASP B 216 27.99 16.45 -4.37
C ASP B 216 28.56 16.74 -5.76
N THR B 217 29.35 15.80 -6.26
CA THR B 217 29.99 15.97 -7.57
C THR B 217 28.97 16.01 -8.70
N PHE B 218 27.84 15.31 -8.54
CA PHE B 218 26.81 15.29 -9.57
C PHE B 218 26.03 16.57 -9.64
N ALA B 219 26.39 17.60 -8.86
CA ALA B 219 25.66 18.86 -8.89
C ALA B 219 25.75 19.53 -10.27
N ASP B 220 26.92 19.41 -10.91
CA ASP B 220 27.05 19.92 -12.28
C ASP B 220 26.13 19.15 -13.22
N SER B 221 26.02 17.83 -13.03
CA SER B 221 25.09 17.02 -13.79
C SER B 221 23.64 17.38 -13.45
N LEU B 222 23.36 17.61 -12.17
CA LEU B 222 22.01 18.00 -11.76
C LEU B 222 21.60 19.30 -12.47
N ARG B 223 22.51 20.26 -12.52
CA ARG B 223 22.23 21.51 -13.24
C ARG B 223 21.89 21.23 -14.69
N TYR B 224 22.71 20.42 -15.36
CA TYR B 224 22.49 20.13 -16.77
C TYR B 224 21.13 19.46 -16.98
N VAL B 225 20.78 18.50 -16.12
CA VAL B 225 19.49 17.82 -16.27
C VAL B 225 18.36 18.80 -15.99
N ASN B 226 18.53 19.67 -14.99
CA ASN B 226 17.46 20.60 -14.64
C ASN B 226 17.07 21.48 -15.82
N ARG B 227 18.05 21.90 -16.63
CA ARG B 227 17.72 22.72 -17.79
C ARG B 227 16.84 21.94 -18.75
N LEU B 228 17.26 20.73 -19.15
CA LEU B 228 16.45 19.94 -20.07
C LEU B 228 15.06 19.70 -19.52
N LEU B 229 14.95 19.43 -18.22
CA LEU B 229 13.64 19.22 -17.61
C LEU B 229 12.80 20.48 -17.63
N ASN B 230 13.42 21.64 -17.32
CA ASN B 230 12.67 22.89 -17.38
C ASN B 230 12.12 23.13 -18.77
N ALA B 231 12.91 22.85 -19.81
CA ALA B 231 12.46 23.09 -21.18
C ALA B 231 11.36 22.11 -21.59
N GLN B 232 11.37 20.89 -21.06
CA GLN B 232 10.43 19.88 -21.48
C GLN B 232 9.13 19.93 -20.71
N PHE B 233 9.16 20.24 -19.41
CA PHE B 233 7.98 20.18 -18.57
C PHE B 233 7.68 21.51 -17.88
N GLY B 234 8.47 22.55 -18.15
CA GLY B 234 8.33 23.80 -17.44
C GLY B 234 9.07 23.74 -16.13
N PHE B 235 9.16 24.89 -15.46
CA PHE B 235 10.03 25.00 -14.31
C PHE B 235 9.38 24.41 -13.07
N THR B 236 10.13 23.57 -12.37
CA THR B 236 9.83 23.16 -11.00
C THR B 236 11.13 23.16 -10.22
N SER B 237 11.05 23.43 -8.92
CA SER B 237 12.18 23.22 -8.03
C SER B 237 12.24 21.74 -7.67
N ARG B 238 13.40 21.13 -7.86
CA ARG B 238 13.52 19.68 -7.84
C ARG B 238 14.54 19.22 -6.80
N LYS B 239 14.11 18.27 -5.97
CA LYS B 239 14.97 17.61 -5.00
C LYS B 239 15.64 16.39 -5.65
N VAL B 240 16.62 15.83 -4.94
CA VAL B 240 17.39 14.72 -5.49
C VAL B 240 16.91 13.41 -4.90
N PRO B 241 16.77 12.34 -5.70
CA PRO B 241 16.43 11.04 -5.11
C PRO B 241 17.50 10.55 -4.16
N ALA B 242 17.06 9.93 -3.06
CA ALA B 242 17.99 9.45 -2.04
C ALA B 242 18.88 8.34 -2.58
N HIS B 243 19.98 8.11 -1.86
CA HIS B 243 20.89 7.03 -2.18
C HIS B 243 20.29 5.74 -1.65
N MET B 244 19.76 4.91 -2.55
CA MET B 244 18.97 3.75 -2.17
C MET B 244 18.70 2.86 -3.38
N PRO B 245 18.16 1.66 -3.17
CA PRO B 245 17.68 0.88 -4.31
C PRO B 245 16.54 1.62 -5.00
N HIS B 246 16.58 1.67 -6.33
CA HIS B 246 15.61 2.40 -7.13
C HIS B 246 14.84 1.42 -8.00
N MET B 247 13.52 1.45 -7.89
CA MET B 247 12.68 0.67 -8.80
C MET B 247 12.48 1.45 -10.11
N ILE B 248 12.75 0.78 -11.23
CA ILE B 248 12.66 1.37 -12.56
C ILE B 248 11.68 0.55 -13.38
N ASP B 249 10.78 1.23 -14.09
CA ASP B 249 9.92 0.59 -15.07
C ASP B 249 10.59 0.72 -16.43
N ARG B 250 10.80 -0.42 -17.10
CA ARG B 250 11.51 -0.38 -18.39
C ARG B 250 10.77 0.48 -19.40
N LEU B 251 9.44 0.43 -19.42
CA LEU B 251 8.68 1.22 -20.38
C LEU B 251 8.79 2.71 -20.07
N ILE B 252 8.69 3.08 -18.79
CA ILE B 252 8.82 4.49 -18.43
C ILE B 252 10.23 4.96 -18.73
N MET B 253 11.24 4.15 -18.40
CA MET B 253 12.62 4.54 -18.68
C MET B 253 12.83 4.73 -20.18
N GLN B 254 12.25 3.85 -20.99
CA GLN B 254 12.41 3.98 -22.43
C GLN B 254 11.67 5.21 -22.95
N GLU B 255 10.52 5.53 -22.37
CA GLU B 255 9.85 6.78 -22.73
C GLU B 255 10.72 7.98 -22.40
N LEU B 256 11.38 7.96 -21.23
CA LEU B 256 12.28 9.03 -20.88
C LEU B 256 13.40 9.17 -21.90
N GLN B 257 14.04 8.05 -22.23
CA GLN B 257 15.17 8.10 -23.16
C GLN B 257 14.70 8.39 -24.58
N ASP B 258 13.48 8.00 -24.93
CA ASP B 258 12.93 8.41 -26.22
C ASP B 258 12.65 9.91 -26.24
N THR B 259 12.41 10.51 -25.07
CA THR B 259 12.16 11.94 -25.01
C THR B 259 13.44 12.74 -25.19
N PHE B 260 14.55 12.29 -24.60
CA PHE B 260 15.84 12.97 -24.70
C PHE B 260 16.84 12.00 -25.33
N PRO B 261 16.63 11.63 -26.60
CA PRO B 261 17.46 10.55 -27.17
C PRO B 261 18.91 10.95 -27.35
N GLN B 262 19.18 12.18 -27.79
CA GLN B 262 20.56 12.60 -28.01
C GLN B 262 21.34 12.70 -26.70
N GLU B 263 20.68 13.10 -25.61
CA GLU B 263 21.38 13.33 -24.37
C GLU B 263 21.76 12.00 -23.69
N PHE B 264 20.94 10.97 -23.83
CA PHE B 264 21.32 9.67 -23.30
C PHE B 264 22.39 9.01 -24.17
N ASP B 265 22.37 9.27 -25.48
CA ASP B 265 23.47 8.85 -26.34
C ASP B 265 24.74 9.61 -25.99
N LYS B 266 24.62 10.90 -25.65
CA LYS B 266 25.79 11.67 -25.24
C LYS B 266 26.34 11.16 -23.91
N THR B 267 25.46 10.83 -22.96
CA THR B 267 25.92 10.26 -21.71
C THR B 267 26.60 8.93 -21.94
N SER B 268 26.02 8.10 -22.82
CA SER B 268 26.63 6.80 -23.12
C SER B 268 28.00 6.98 -23.76
N SER B 269 28.15 8.00 -24.59
CA SER B 269 29.39 8.17 -25.35
C SER B 269 30.56 8.53 -24.44
N HIS B 270 30.28 9.21 -23.31
CA HIS B 270 31.34 9.63 -22.40
C HIS B 270 31.89 8.41 -21.67
N ARG B 271 33.11 8.02 -21.99
CA ARG B 271 33.72 6.87 -21.34
C ARG B 271 34.13 7.16 -19.90
N VAL B 272 34.14 8.44 -19.49
CA VAL B 272 34.33 8.83 -18.10
C VAL B 272 33.22 9.80 -17.74
N ARG B 273 32.98 9.93 -16.44
CA ARG B 273 31.88 10.76 -15.98
C ARG B 273 32.09 12.21 -16.40
N HIS B 274 30.99 12.87 -16.75
CA HIS B 274 31.03 14.21 -17.32
C HIS B 274 29.96 15.05 -16.65
N SER B 275 30.13 16.38 -16.72
CA SER B 275 29.17 17.27 -16.09
C SER B 275 27.86 17.35 -16.85
N GLU B 276 27.87 17.03 -18.15
CA GLU B 276 26.65 16.94 -18.94
C GLU B 276 26.08 15.52 -18.99
N ASP B 277 26.42 14.69 -18.02
CA ASP B 277 25.88 13.35 -17.96
C ASP B 277 24.47 13.38 -17.35
N MET B 278 23.58 12.56 -17.92
CA MET B 278 22.25 12.41 -17.35
C MET B 278 22.33 11.63 -16.03
N GLN B 279 21.68 12.14 -15.00
CA GLN B 279 21.60 11.42 -13.73
C GLN B 279 20.53 10.35 -13.83
N PHE B 280 20.90 9.12 -13.48
CA PHE B 280 19.99 7.99 -13.62
C PHE B 280 18.69 8.21 -12.85
N ALA B 281 18.79 8.27 -11.53
CA ALA B 281 17.57 8.35 -10.72
C ALA B 281 16.87 9.70 -10.87
N PHE B 282 17.65 10.78 -10.96
CA PHE B 282 17.04 12.11 -11.04
C PHE B 282 16.19 12.26 -12.29
N SER B 283 16.67 11.73 -13.42
CA SER B 283 15.91 11.84 -14.66
C SER B 283 14.67 10.95 -14.63
N TYR B 284 14.84 9.68 -14.28
CA TYR B 284 13.73 8.75 -14.32
C TYR B 284 12.58 9.23 -13.43
N PHE B 285 12.87 9.55 -12.17
CA PHE B 285 11.81 9.89 -11.24
C PHE B 285 11.15 11.23 -11.56
N TYR B 286 11.89 12.17 -12.12
CA TYR B 286 11.26 13.43 -12.48
C TYR B 286 10.59 13.37 -13.84
N PHE B 287 11.00 12.46 -14.71
CA PHE B 287 10.18 12.18 -15.88
C PHE B 287 8.88 11.50 -15.48
N LEU B 288 8.96 10.56 -14.54
CA LEU B 288 7.76 9.86 -14.08
C LEU B 288 6.77 10.85 -13.47
N MET B 289 7.26 11.82 -12.71
CA MET B 289 6.38 12.74 -12.01
C MET B 289 5.89 13.88 -12.91
N SER B 290 6.59 14.18 -14.00
CA SER B 290 6.30 15.34 -14.82
C SER B 290 5.58 14.98 -16.12
N ALA B 291 5.71 13.76 -16.61
CA ALA B 291 5.05 13.38 -17.85
C ALA B 291 3.55 13.60 -17.73
N VAL B 292 2.99 14.35 -18.67
CA VAL B 292 1.57 14.69 -18.63
C VAL B 292 0.86 13.90 -19.72
N GLN B 293 -0.43 13.67 -19.50
CA GLN B 293 -1.29 12.99 -20.44
C GLN B 293 -2.56 13.83 -20.61
N GLN B 294 -2.97 14.03 -21.85
CA GLN B 294 -4.17 14.80 -22.13
C GLN B 294 -5.40 13.93 -21.87
N LEU B 295 -6.43 14.55 -21.31
CA LEU B 295 -7.60 13.79 -20.88
C LEU B 295 -8.27 13.12 -22.07
N ASN B 296 -8.76 11.91 -21.85
CA ASN B 296 -9.51 11.15 -22.85
C ASN B 296 -10.97 11.56 -22.75
N ILE B 297 -11.46 12.29 -23.76
CA ILE B 297 -12.81 12.83 -23.68
C ILE B 297 -13.85 11.71 -23.76
N SER B 298 -13.60 10.69 -24.59
CA SER B 298 -14.56 9.61 -24.69
C SER B 298 -14.70 8.86 -23.37
N GLU B 299 -13.62 8.79 -22.57
CA GLU B 299 -13.73 8.15 -21.26
C GLU B 299 -14.50 9.03 -20.28
N VAL B 300 -14.34 10.36 -20.39
CA VAL B 300 -15.17 11.28 -19.61
C VAL B 300 -16.64 11.08 -19.98
N PHE B 301 -16.92 10.96 -21.27
CA PHE B 301 -18.28 10.67 -21.70
C PHE B 301 -18.78 9.40 -21.05
N ASP B 302 -17.96 8.34 -21.07
CA ASP B 302 -18.40 7.04 -20.54
C ASP B 302 -18.69 7.13 -19.04
N GLU B 303 -17.92 7.94 -18.32
CA GLU B 303 -18.18 8.07 -16.89
C GLU B 303 -19.51 8.79 -16.66
N ILE B 304 -19.79 9.82 -17.47
CA ILE B 304 -21.06 10.54 -17.35
C ILE B 304 -22.23 9.69 -17.84
N ASP B 305 -21.98 8.80 -18.81
CA ASP B 305 -23.00 7.95 -19.39
C ASP B 305 -23.17 6.71 -18.51
N THR B 306 -23.80 6.93 -17.34
CA THR B 306 -23.86 5.89 -16.31
C THR B 306 -24.79 4.75 -16.69
N ASP B 307 -25.79 5.00 -17.54
CA ASP B 307 -26.62 3.93 -18.06
C ASP B 307 -25.99 3.22 -19.25
N HIS B 308 -24.85 3.70 -19.74
CA HIS B 308 -24.13 3.10 -20.86
C HIS B 308 -24.95 3.12 -22.15
N SER B 309 -25.96 4.01 -22.21
CA SER B 309 -26.83 4.05 -23.38
C SER B 309 -26.12 4.61 -24.60
N GLY B 310 -25.09 5.43 -24.40
CA GLY B 310 -24.40 6.09 -25.49
C GLY B 310 -24.89 7.49 -25.79
N VAL B 311 -25.96 7.92 -25.13
CA VAL B 311 -26.51 9.27 -25.28
C VAL B 311 -26.67 9.83 -23.89
N LEU B 312 -26.22 11.07 -23.68
CA LEU B 312 -26.29 11.68 -22.36
C LEU B 312 -27.70 12.17 -22.08
N SER B 313 -28.30 11.70 -21.00
CA SER B 313 -29.59 12.19 -20.57
C SER B 313 -29.43 13.58 -19.93
N ASP B 314 -30.58 14.20 -19.62
CA ASP B 314 -30.54 15.48 -18.93
C ASP B 314 -29.85 15.35 -17.57
N ARG B 315 -30.14 14.28 -16.84
CA ARG B 315 -29.53 14.09 -15.53
C ARG B 315 -28.02 13.88 -15.66
N GLU B 316 -27.60 13.16 -16.70
CA GLU B 316 -26.18 12.97 -16.92
C GLU B 316 -25.52 14.27 -17.38
N ILE B 317 -26.23 15.07 -18.19
CA ILE B 317 -25.67 16.34 -18.63
C ILE B 317 -25.39 17.23 -17.42
N ARG B 318 -26.26 17.16 -16.40
CA ARG B 318 -26.07 18.02 -15.24
C ARG B 318 -24.75 17.72 -14.55
N THR B 319 -24.36 16.45 -14.51
CA THR B 319 -23.04 16.12 -13.97
C THR B 319 -21.95 16.77 -14.80
N LEU B 320 -22.06 16.70 -16.12
CA LEU B 320 -21.05 17.35 -16.97
C LEU B 320 -21.02 18.85 -16.76
N ALA B 321 -22.18 19.46 -16.47
CA ALA B 321 -22.19 20.90 -16.24
C ALA B 321 -21.41 21.27 -14.99
N THR B 322 -21.55 20.47 -13.92
CA THR B 322 -20.80 20.76 -12.69
C THR B 322 -19.31 20.49 -12.88
N ARG B 323 -18.95 19.58 -13.78
CA ARG B 323 -17.54 19.28 -13.99
C ARG B 323 -16.80 20.42 -14.67
N ILE B 324 -17.50 21.23 -15.47
CA ILE B 324 -16.85 22.30 -16.23
C ILE B 324 -17.25 23.69 -15.74
N HIS B 325 -18.12 23.79 -14.74
CA HIS B 325 -18.50 25.08 -14.19
C HIS B 325 -18.24 25.11 -12.68
N GLU B 326 -17.93 26.29 -12.16
CA GLU B 326 -17.77 26.45 -10.73
C GLU B 326 -19.12 26.42 -10.03
N LEU B 327 -19.15 25.86 -8.86
CA LEU B 327 -20.42 25.73 -8.16
C LEU B 327 -20.64 26.89 -7.21
N PRO B 328 -21.90 27.25 -6.91
CA PRO B 328 -23.12 26.58 -7.39
C PRO B 328 -23.41 26.72 -8.90
N LEU B 329 -24.19 25.80 -9.44
CA LEU B 329 -24.50 25.78 -10.86
C LEU B 329 -25.72 26.64 -11.11
N SER B 330 -25.54 27.71 -11.86
CA SER B 330 -26.65 28.58 -12.23
C SER B 330 -27.35 28.03 -13.47
N LEU B 331 -28.62 28.38 -13.61
CA LEU B 331 -29.34 28.01 -14.83
C LEU B 331 -28.62 28.53 -16.07
N GLN B 332 -27.92 29.65 -15.94
CA GLN B 332 -27.13 30.17 -17.05
C GLN B 332 -26.02 29.20 -17.43
N ASP B 333 -25.31 28.64 -16.44
CA ASP B 333 -24.26 27.69 -16.73
C ASP B 333 -24.81 26.46 -17.42
N LEU B 334 -25.95 25.95 -16.95
CA LEU B 334 -26.51 24.74 -17.54
C LEU B 334 -26.96 25.01 -18.98
N THR B 335 -27.75 26.07 -19.17
CA THR B 335 -28.24 26.38 -20.51
C THR B 335 -27.10 26.69 -21.48
N SER B 336 -26.03 27.32 -20.99
CA SER B 336 -24.87 27.55 -21.85
C SER B 336 -24.34 26.23 -22.41
N LEU B 337 -24.20 25.22 -21.55
CA LEU B 337 -23.77 23.91 -22.04
C LEU B 337 -24.82 23.31 -22.96
N GLU B 338 -26.10 23.53 -22.64
CA GLU B 338 -27.16 23.01 -23.51
C GLU B 338 -27.10 23.66 -24.88
N GLN B 339 -26.77 24.95 -24.94
CA GLN B 339 -26.68 25.63 -26.23
C GLN B 339 -25.43 25.22 -27.01
N MET B 340 -24.31 24.98 -26.32
CA MET B 340 -23.12 24.53 -27.01
C MET B 340 -23.37 23.20 -27.74
N LEU B 341 -24.19 22.33 -27.13
CA LEU B 341 -24.53 21.06 -27.77
C LEU B 341 -25.47 21.28 -28.95
N ILE B 342 -26.40 22.23 -28.82
CA ILE B 342 -27.34 22.49 -29.91
C ILE B 342 -26.62 23.08 -31.10
N ASN B 343 -25.81 24.12 -30.87
CA ASN B 343 -25.05 24.72 -31.97
C ASN B 343 -24.18 23.69 -32.68
N CYS B 344 -23.57 22.79 -31.91
CA CYS B 344 -22.64 21.84 -32.49
C CYS B 344 -23.33 20.80 -33.35
N SER B 345 -24.54 20.38 -32.99
CA SER B 345 -25.24 19.41 -33.83
C SER B 345 -25.60 20.01 -35.19
N LYS B 346 -25.79 21.33 -35.25
CA LYS B 346 -26.00 22.00 -36.52
C LYS B 346 -24.69 22.15 -37.28
N SER B 347 -23.67 22.70 -36.62
CA SER B 347 -22.42 23.01 -37.31
C SER B 347 -21.70 21.74 -37.77
N LEU B 348 -21.57 20.76 -36.88
CA LEU B 348 -20.77 19.58 -37.17
C LEU B 348 -21.46 18.71 -38.23
N PRO B 349 -20.66 17.90 -38.94
CA PRO B 349 -21.26 16.95 -39.89
C PRO B 349 -22.21 15.98 -39.19
N SER B 350 -23.28 15.61 -39.89
CA SER B 350 -24.29 14.76 -39.28
C SER B 350 -23.75 13.37 -38.96
N ASN B 351 -22.77 12.88 -39.74
CA ASN B 351 -22.21 11.57 -39.45
C ASN B 351 -21.35 11.58 -38.19
N LEU B 352 -20.74 12.72 -37.87
CA LEU B 352 -19.96 12.79 -36.64
C LEU B 352 -20.84 12.93 -35.40
N THR B 353 -22.04 13.51 -35.55
CA THR B 353 -22.96 13.66 -34.43
C THR B 353 -23.84 12.45 -34.20
N HIS B 354 -23.96 11.56 -35.17
CA HIS B 354 -24.72 10.33 -35.03
C HIS B 354 -26.15 10.57 -34.54
N SER B 359 -32.30 4.14 -32.76
CA SER B 359 -32.20 4.59 -31.38
C SER B 359 -32.53 3.45 -30.42
N PRO B 360 -31.62 3.17 -29.48
CA PRO B 360 -31.95 2.15 -28.46
C PRO B 360 -33.13 2.56 -27.59
N THR B 361 -33.14 3.80 -27.10
CA THR B 361 -34.21 4.33 -26.28
C THR B 361 -34.42 5.79 -26.62
N GLN B 362 -35.68 6.22 -26.61
CA GLN B 362 -35.99 7.63 -26.81
C GLN B 362 -35.60 8.43 -25.59
N GLU B 363 -34.77 9.45 -25.78
CA GLU B 363 -34.32 10.30 -24.69
C GLU B 363 -35.09 11.61 -24.75
N ALA B 364 -35.77 11.96 -23.66
CA ALA B 364 -36.55 13.19 -23.57
C ALA B 364 -35.74 14.25 -22.83
N TYR B 365 -35.68 15.45 -23.43
CA TYR B 365 -34.95 16.57 -22.87
C TYR B 365 -35.91 17.71 -22.53
N TYR B 366 -35.48 18.55 -21.58
CA TYR B 366 -36.28 19.72 -21.23
C TYR B 366 -36.41 20.67 -22.41
N ASP B 367 -35.33 20.83 -23.17
CA ASP B 367 -35.35 21.67 -24.36
C ASP B 367 -35.74 20.84 -25.57
N PRO B 368 -36.86 21.10 -26.22
CA PRO B 368 -37.21 20.31 -27.43
C PRO B 368 -36.20 20.47 -28.54
N SER B 369 -35.37 21.51 -28.50
CA SER B 369 -34.33 21.70 -29.51
C SER B 369 -33.10 20.84 -29.25
N MET B 370 -33.05 20.10 -28.15
CA MET B 370 -31.84 19.37 -27.77
C MET B 370 -31.71 18.10 -28.61
N PRO B 371 -30.61 17.94 -29.35
CA PRO B 371 -30.41 16.70 -30.11
C PRO B 371 -29.97 15.57 -29.19
N PRO B 372 -29.95 14.33 -29.67
CA PRO B 372 -29.33 13.25 -28.89
C PRO B 372 -27.86 13.54 -28.64
N VAL B 373 -27.51 13.68 -27.36
CA VAL B 373 -26.13 14.03 -26.97
C VAL B 373 -25.26 12.79 -27.05
N THR B 374 -24.73 12.51 -28.24
CA THR B 374 -23.94 11.32 -28.47
C THR B 374 -22.50 11.56 -28.07
N LYS B 375 -21.71 10.47 -28.05
CA LYS B 375 -20.28 10.61 -27.78
C LYS B 375 -19.60 11.46 -28.83
N GLY B 376 -19.94 11.26 -30.10
CA GLY B 376 -19.35 12.05 -31.17
C GLY B 376 -19.67 13.53 -31.03
N LEU B 377 -20.88 13.85 -30.60
CA LEU B 377 -21.25 15.25 -30.45
C LEU B 377 -20.40 15.93 -29.39
N VAL B 378 -20.17 15.26 -28.26
CA VAL B 378 -19.43 15.89 -27.18
C VAL B 378 -17.95 15.98 -27.52
N ILE B 379 -17.41 14.95 -28.17
CA ILE B 379 -15.99 14.94 -28.50
C ILE B 379 -15.65 16.05 -29.49
N HIS B 380 -16.45 16.16 -30.56
CA HIS B 380 -16.13 17.10 -31.63
C HIS B 380 -16.48 18.53 -31.29
N CYS B 381 -17.33 18.77 -30.30
CA CYS B 381 -17.75 20.11 -29.94
C CYS B 381 -16.59 20.81 -29.23
N LYS B 382 -15.87 21.66 -29.94
CA LYS B 382 -14.69 22.31 -29.39
C LYS B 382 -15.00 23.15 -28.15
N PRO B 383 -16.03 23.99 -28.12
CA PRO B 383 -16.23 24.83 -26.94
C PRO B 383 -16.45 24.04 -25.66
N ILE B 384 -16.96 22.81 -25.76
CA ILE B 384 -17.15 21.98 -24.58
C ILE B 384 -15.82 21.34 -24.17
N THR B 385 -15.19 20.64 -25.11
CA THR B 385 -13.94 19.95 -24.79
C THR B 385 -12.88 20.93 -24.29
N GLU B 386 -12.86 22.15 -24.82
CA GLU B 386 -11.92 23.15 -24.33
C GLU B 386 -12.18 23.46 -22.86
N ARG B 387 -13.44 23.67 -22.50
CA ARG B 387 -13.76 23.95 -21.10
C ARG B 387 -13.56 22.71 -20.24
N ILE B 388 -13.71 21.53 -20.82
CA ILE B 388 -13.38 20.30 -20.10
C ILE B 388 -11.88 20.27 -19.82
N HIS B 389 -11.07 20.49 -20.85
CA HIS B 389 -9.62 20.48 -20.67
C HIS B 389 -9.14 21.62 -19.77
N LYS B 390 -9.84 22.75 -19.80
CA LYS B 390 -9.49 23.83 -18.87
C LYS B 390 -9.88 23.47 -17.45
N ALA B 391 -11.06 22.86 -17.27
CA ALA B 391 -11.53 22.54 -15.92
C ALA B 391 -10.67 21.47 -15.27
N PHE B 392 -10.13 20.53 -16.05
CA PHE B 392 -9.24 19.49 -15.56
C PHE B 392 -7.83 19.79 -16.04
N LYS B 393 -6.97 20.22 -15.12
CA LYS B 393 -5.59 20.54 -15.45
C LYS B 393 -4.92 19.40 -16.19
N ASP B 394 -3.77 19.66 -16.82
CA ASP B 394 -3.02 18.59 -17.47
C ASP B 394 -2.69 17.53 -16.43
N GLN B 395 -2.94 16.27 -16.76
CA GLN B 395 -2.90 15.19 -15.80
C GLN B 395 -1.63 14.37 -15.95
N ASN B 396 -0.98 14.07 -14.82
CA ASN B 396 0.22 13.25 -14.83
C ASN B 396 -0.11 11.91 -15.46
N LYS B 397 0.72 11.49 -16.43
CA LYS B 397 0.48 10.18 -17.04
C LYS B 397 0.69 9.06 -16.02
N TYR B 398 1.60 9.25 -15.07
CA TYR B 398 1.95 8.23 -14.10
C TYR B 398 1.63 8.72 -12.70
N LYS B 399 1.23 7.78 -11.84
CA LYS B 399 0.96 8.07 -10.44
C LYS B 399 2.24 7.88 -9.63
N PHE B 400 2.38 8.69 -8.60
CA PHE B 400 3.55 8.59 -7.73
C PHE B 400 3.20 9.08 -6.33
N GLU B 401 4.06 8.70 -5.38
CA GLU B 401 3.86 9.03 -3.97
C GLU B 401 5.17 9.54 -3.40
N ILE B 402 5.18 10.80 -2.94
CA ILE B 402 6.38 11.35 -2.33
C ILE B 402 6.54 10.75 -0.94
N MET B 403 7.77 10.37 -0.61
CA MET B 403 8.06 9.64 0.62
C MET B 403 9.13 10.39 1.41
N GLY B 404 9.10 10.19 2.73
CA GLY B 404 10.14 10.70 3.58
C GLY B 404 11.40 9.87 3.52
N GLU B 405 12.44 10.37 4.18
CA GLU B 405 13.74 9.72 4.19
C GLU B 405 13.97 8.91 5.46
N GLU B 406 12.91 8.63 6.22
CA GLU B 406 13.06 7.99 7.51
C GLU B 406 13.66 6.60 7.39
N GLU B 407 13.25 5.83 6.38
CA GLU B 407 13.74 4.46 6.22
C GLU B 407 15.08 4.39 5.47
N ILE B 408 15.64 5.53 5.07
CA ILE B 408 16.94 5.56 4.41
C ILE B 408 17.98 5.96 5.44
N ALA B 409 19.05 5.18 5.52
CA ALA B 409 20.20 5.45 6.39
C ALA B 409 21.42 5.60 5.49
N PHE B 410 21.73 6.83 5.10
CA PHE B 410 22.91 7.13 4.30
C PHE B 410 24.01 7.65 5.21
N LYS B 411 25.14 6.95 5.23
CA LYS B 411 26.30 7.32 6.03
C LYS B 411 27.50 7.45 5.10
N MET B 412 28.26 8.53 5.25
CA MET B 412 29.54 8.68 4.54
C MET B 412 30.65 8.32 5.51
N ILE B 413 31.41 7.27 5.17
CA ILE B 413 32.44 6.74 6.04
C ILE B 413 33.75 7.47 5.74
N ARG B 414 34.18 8.32 6.65
CA ARG B 414 35.52 8.92 6.58
C ARG B 414 36.46 8.07 7.43
N THR B 415 37.49 8.67 8.03
CA THR B 415 38.50 7.91 8.75
C THR B 415 38.50 8.19 10.25
N ASN B 416 37.58 8.99 10.76
CA ASN B 416 37.46 9.17 12.20
C ASN B 416 36.77 7.94 12.78
N VAL B 417 37.54 7.10 13.47
CA VAL B 417 37.02 5.83 13.98
C VAL B 417 35.83 6.06 14.89
N SER B 418 35.94 7.04 15.80
CA SER B 418 34.86 7.26 16.75
C SER B 418 33.57 7.63 16.06
N HIS B 419 33.65 8.47 15.03
CA HIS B 419 32.45 8.89 14.32
C HIS B 419 31.86 7.72 13.53
N VAL B 420 32.71 6.85 12.97
CA VAL B 420 32.22 5.69 12.22
C VAL B 420 31.51 4.72 13.16
N VAL B 421 32.10 4.44 14.31
CA VAL B 421 31.45 3.52 15.24
C VAL B 421 30.11 4.09 15.69
N GLY B 422 30.03 5.41 15.83
CA GLY B 422 28.76 6.01 16.18
C GLY B 422 27.74 5.91 15.07
N GLN B 423 28.19 6.07 13.82
CA GLN B 423 27.29 5.92 12.68
C GLN B 423 26.75 4.50 12.59
N LEU B 424 27.63 3.51 12.72
CA LEU B 424 27.19 2.12 12.62
C LEU B 424 26.32 1.72 13.80
N ASP B 425 26.63 2.22 15.00
CA ASP B 425 25.80 1.90 16.16
C ASP B 425 24.39 2.48 16.00
N ASP B 426 24.25 3.57 15.24
CA ASP B 426 22.92 4.12 14.98
C ASP B 426 22.08 3.14 14.18
N ILE B 427 22.70 2.43 13.22
CA ILE B 427 21.98 1.44 12.44
C ILE B 427 21.69 0.21 13.29
N ARG B 428 22.63 -0.18 14.13
CA ARG B 428 22.39 -1.32 15.02
C ARG B 428 21.22 -1.02 15.95
N LYS B 429 21.19 0.19 16.52
CA LYS B 429 20.12 0.52 17.46
C LYS B 429 18.81 0.75 16.73
N ASN B 430 18.84 1.44 15.59
CA ASN B 430 17.66 1.82 14.84
C ASN B 430 17.79 1.24 13.43
N PRO B 431 17.25 0.04 13.19
CA PRO B 431 17.35 -0.55 11.86
C PRO B 431 16.60 0.27 10.82
N ARG B 432 17.17 0.35 9.63
CA ARG B 432 16.59 1.07 8.51
C ARG B 432 16.44 0.12 7.31
N LYS B 433 15.39 0.35 6.52
CA LYS B 433 15.14 -0.55 5.40
C LYS B 433 16.23 -0.44 4.34
N PHE B 434 16.73 0.77 4.10
CA PHE B 434 17.70 1.03 3.05
C PHE B 434 18.96 1.59 3.67
N ILE B 435 20.08 0.90 3.49
CA ILE B 435 21.35 1.27 4.08
C ILE B 435 22.32 1.55 2.95
N CYS B 436 23.02 2.67 3.03
CA CYS B 436 24.11 2.97 2.11
C CYS B 436 25.29 3.47 2.93
N LEU B 437 26.42 2.76 2.84
CA LEU B 437 27.66 3.14 3.50
C LEU B 437 28.66 3.55 2.42
N ASN B 438 28.74 4.87 2.18
CA ASN B 438 29.56 5.39 1.10
C ASN B 438 31.00 5.51 1.56
N ASP B 439 31.92 4.91 0.80
CA ASP B 439 33.33 4.84 1.18
C ASP B 439 34.02 6.15 0.81
N ASN B 440 34.41 6.92 1.83
CA ASN B 440 35.25 8.11 1.65
C ASN B 440 36.48 8.01 2.54
N ILE B 441 36.93 6.80 2.82
CA ILE B 441 38.07 6.60 3.71
C ILE B 441 39.36 7.02 3.02
N ASP B 442 40.22 7.71 3.77
CA ASP B 442 41.54 8.13 3.29
C ASP B 442 42.56 7.06 3.68
N HIS B 443 43.20 6.48 2.67
CA HIS B 443 44.16 5.39 2.91
C HIS B 443 45.45 5.90 3.54
N ILE B 444 45.74 7.19 3.40
CA ILE B 444 46.95 7.76 3.99
C ILE B 444 46.86 7.73 5.50
N HIS B 445 45.67 8.00 6.06
CA HIS B 445 45.49 8.07 7.50
C HIS B 445 45.79 6.73 8.15
N LYS B 446 46.30 6.78 9.38
CA LYS B 446 46.72 5.56 10.04
C LYS B 446 45.53 4.71 10.46
N ASP B 447 44.39 5.35 10.77
CA ASP B 447 43.18 4.63 11.18
C ASP B 447 42.45 3.98 10.02
N ALA B 448 42.92 4.14 8.78
CA ALA B 448 42.21 3.60 7.63
C ALA B 448 42.03 2.10 7.76
N GLY B 449 43.10 1.38 8.08
CA GLY B 449 42.98 -0.06 8.27
C GLY B 449 42.04 -0.43 9.40
N THR B 450 41.95 0.42 10.43
CA THR B 450 41.02 0.16 11.53
C THR B 450 39.58 0.36 11.08
N VAL B 451 39.32 1.47 10.37
CA VAL B 451 37.96 1.74 9.91
C VAL B 451 37.48 0.62 9.00
N LYS B 452 38.34 0.19 8.07
CA LYS B 452 37.98 -0.91 7.19
C LYS B 452 37.66 -2.18 7.97
N ALA B 453 38.30 -2.36 9.13
CA ALA B 453 38.00 -3.52 9.96
C ALA B 453 36.69 -3.36 10.71
N VAL B 454 36.32 -2.13 11.05
CA VAL B 454 35.04 -1.90 11.74
C VAL B 454 33.88 -2.18 10.78
N LEU B 455 34.03 -1.77 9.52
CA LEU B 455 32.96 -2.01 8.55
C LEU B 455 32.72 -3.50 8.38
N ARG B 456 33.78 -4.25 8.04
CA ARG B 456 33.58 -5.69 7.84
C ARG B 456 33.02 -6.36 9.09
N ASP B 457 33.33 -5.81 10.28
CA ASP B 457 32.71 -6.33 11.49
C ASP B 457 31.23 -6.00 11.52
N PHE B 458 30.86 -4.81 11.06
CA PHE B 458 29.45 -4.44 10.99
C PHE B 458 28.72 -5.29 9.95
N TYR B 459 29.32 -5.47 8.77
CA TYR B 459 28.72 -6.34 7.76
C TYR B 459 28.52 -7.75 8.29
N GLU B 460 29.56 -8.30 8.95
CA GLU B 460 29.46 -9.66 9.46
C GLU B 460 28.45 -9.75 10.62
N SER B 461 28.27 -8.67 11.36
CA SER B 461 27.30 -8.70 12.46
C SER B 461 25.88 -8.74 11.94
N MET B 462 25.62 -8.13 10.77
CA MET B 462 24.28 -8.07 10.21
C MET B 462 23.96 -9.27 9.33
N PHE B 463 24.92 -9.69 8.51
CA PHE B 463 24.72 -10.78 7.55
C PHE B 463 25.87 -11.77 7.66
N PRO B 464 25.88 -12.58 8.72
CA PRO B 464 26.95 -13.58 8.87
C PRO B 464 26.80 -14.81 7.98
N LEU B 465 25.60 -15.09 7.48
CA LEU B 465 25.39 -16.32 6.72
C LEU B 465 25.72 -16.10 5.25
N PRO B 466 26.49 -17.00 4.64
CA PRO B 466 26.77 -16.85 3.20
C PRO B 466 25.52 -17.09 2.37
N SER B 467 25.44 -16.37 1.25
CA SER B 467 24.27 -16.46 0.40
C SER B 467 24.43 -17.61 -0.58
N GLN B 468 23.31 -18.00 -1.21
CA GLN B 468 23.33 -19.00 -2.26
C GLN B 468 24.12 -18.55 -3.48
N PHE B 469 24.49 -17.28 -3.56
CA PHE B 469 25.21 -16.76 -4.71
C PHE B 469 26.73 -16.76 -4.50
N GLU B 470 27.18 -17.15 -3.31
CA GLU B 470 28.60 -17.22 -3.01
C GLU B 470 29.11 -18.65 -3.18
N LEU B 471 30.23 -18.79 -3.90
CA LEU B 471 30.94 -20.06 -3.92
C LEU B 471 31.48 -20.32 -2.52
N PRO B 472 31.73 -21.59 -2.18
CA PRO B 472 32.39 -21.89 -0.89
C PRO B 472 33.72 -21.15 -0.81
N ARG B 473 34.15 -20.87 0.42
CA ARG B 473 35.33 -20.05 0.61
C ARG B 473 36.56 -20.68 -0.07
N GLU B 474 36.64 -22.01 -0.03
CA GLU B 474 37.82 -22.68 -0.59
C GLU B 474 37.85 -22.60 -2.11
N TYR B 475 36.69 -22.62 -2.77
CA TYR B 475 36.62 -22.60 -4.21
C TYR B 475 36.59 -21.16 -4.74
N ARG B 476 36.78 -21.04 -6.05
CA ARG B 476 36.91 -19.75 -6.72
C ARG B 476 36.77 -19.98 -8.22
N ASN B 477 36.05 -19.09 -8.90
CA ASN B 477 35.92 -19.20 -10.34
C ASN B 477 37.30 -19.18 -10.99
N ARG B 478 37.48 -20.03 -12.01
CA ARG B 478 38.81 -20.19 -12.59
C ARG B 478 39.24 -18.94 -13.35
N PHE B 479 38.33 -18.31 -14.09
CA PHE B 479 38.62 -17.10 -14.84
C PHE B 479 37.93 -15.89 -14.21
N LEU B 480 38.61 -14.75 -14.27
CA LEU B 480 38.06 -13.50 -13.78
C LEU B 480 37.40 -12.68 -14.88
N HIS B 481 37.31 -13.22 -16.09
CA HIS B 481 36.70 -12.51 -17.20
C HIS B 481 35.82 -13.47 -17.99
N MET B 482 34.68 -12.97 -18.47
CA MET B 482 33.74 -13.82 -19.20
C MET B 482 34.36 -14.34 -20.49
N THR B 483 35.16 -13.52 -21.17
CA THR B 483 35.74 -13.94 -22.45
C THR B 483 36.68 -15.13 -22.25
N GLU B 484 37.41 -15.15 -21.13
CA GLU B 484 38.25 -16.31 -20.83
C GLU B 484 37.40 -17.55 -20.57
N LEU B 485 36.28 -17.37 -19.87
CA LEU B 485 35.42 -18.49 -19.56
C LEU B 485 34.68 -18.99 -20.80
N GLN B 486 34.24 -18.08 -21.65
CA GLN B 486 33.55 -18.49 -22.88
C GLN B 486 34.48 -19.31 -23.76
N GLU B 487 35.70 -18.83 -23.99
CA GLU B 487 36.63 -19.54 -24.85
C GLU B 487 37.01 -20.90 -24.27
N TRP B 488 37.16 -20.98 -22.94
CA TRP B 488 37.58 -22.23 -22.31
C TRP B 488 36.50 -23.30 -22.39
N ARG B 489 35.23 -22.90 -22.47
CA ARG B 489 34.14 -23.87 -22.56
C ARG B 489 33.87 -24.32 -23.99
N ILE B 490 34.18 -23.49 -24.98
CA ILE B 490 34.17 -23.95 -26.37
C ILE B 490 35.24 -25.01 -26.57
N TYR B 491 36.47 -24.72 -26.13
CA TYR B 491 37.54 -25.71 -26.13
C TYR B 491 37.28 -26.86 -25.18
N ARG B 492 36.46 -26.65 -24.15
CA ARG B 492 36.14 -27.69 -23.18
C ARG B 492 37.38 -28.14 -22.42
#